data_4RVP
#
_entry.id   4RVP
#
_cell.length_a   49.979
_cell.length_b   85.781
_cell.length_c   105.312
_cell.angle_alpha   90.00
_cell.angle_beta   99.84
_cell.angle_gamma   90.00
#
_symmetry.space_group_name_H-M   'P 1 21 1'
#
loop_
_entity.id
_entity.type
_entity.pdbx_description
1 polymer 'superoxide dismutase'
2 non-polymer 'ZINC ION'
3 water water
#
_entity_poly.entity_id   1
_entity_poly.type   'polypeptide(L)'
_entity_poly.pdbx_seq_one_letter_code
;MILAAKKKAVAVLKGNSAVEGVVTLTQEEDGPTTVNVRITGLTPGPHGFHLHEFGDTTNGCISTGPHFNPKGLTHGAPED
EIRHAGDLGNIVANADGVAEVTIVDNQIPLTGPNAVVGRAFVVHELEDDLGKGGHELSLSTGNAGGRLACGVIGLTPT
;
_entity_poly.pdbx_strand_id   A,B,C,D,E,F
#
# COMPACT_ATOMS: atom_id res chain seq x y z
N LYS A 6 3.39 -16.00 19.23
CA LYS A 6 3.59 -17.26 18.53
C LYS A 6 2.25 -17.88 18.10
N LYS A 7 1.11 -17.33 18.54
CA LYS A 7 -0.17 -17.78 17.98
C LYS A 7 -0.84 -16.63 17.23
N LYS A 8 -1.51 -16.94 16.14
CA LYS A 8 -2.07 -15.90 15.29
C LYS A 8 -3.47 -16.23 14.75
N ALA A 9 -4.32 -15.23 14.63
CA ALA A 9 -5.64 -15.46 14.07
C ALA A 9 -6.01 -14.31 13.12
N VAL A 10 -7.06 -14.50 12.33
CA VAL A 10 -7.44 -13.47 11.38
C VAL A 10 -8.94 -13.52 11.15
N ALA A 11 -9.55 -12.36 10.95
CA ALA A 11 -10.96 -12.30 10.59
C ALA A 11 -11.14 -11.47 9.33
N VAL A 12 -11.86 -12.01 8.34
CA VAL A 12 -12.16 -11.22 7.13
C VAL A 12 -13.58 -10.62 7.28
N LEU A 13 -13.67 -9.29 7.24
CA LEU A 13 -14.94 -8.65 7.57
C LEU A 13 -15.75 -8.31 6.32
N LYS A 14 -16.95 -8.88 6.21
CA LYS A 14 -17.81 -8.67 5.07
C LYS A 14 -19.23 -8.34 5.51
N GLY A 15 -19.98 -7.71 4.61
CA GLY A 15 -21.37 -7.36 4.85
C GLY A 15 -22.02 -6.96 3.55
N ASN A 16 -23.17 -6.32 3.63
CA ASN A 16 -23.93 -5.96 2.44
C ASN A 16 -23.48 -4.64 1.76
N SER A 17 -22.57 -3.90 2.38
CA SER A 17 -22.23 -2.57 1.89
C SER A 17 -20.78 -2.50 1.45
N ALA A 18 -20.31 -1.28 1.22
CA ALA A 18 -18.90 -1.06 0.88
C ALA A 18 -18.00 -1.26 2.09
N VAL A 19 -18.59 -1.30 3.29
CA VAL A 19 -17.80 -1.52 4.48
C VAL A 19 -17.33 -2.95 4.45
N GLU A 20 -16.01 -3.16 4.35
CA GLU A 20 -15.39 -4.48 4.44
C GLU A 20 -13.96 -4.30 5.02
N GLY A 21 -13.33 -5.35 5.53
CA GLY A 21 -12.00 -5.19 6.09
C GLY A 21 -11.34 -6.46 6.61
N VAL A 22 -10.12 -6.32 7.11
CA VAL A 22 -9.39 -7.46 7.68
C VAL A 22 -8.84 -7.14 9.06
N VAL A 23 -9.01 -8.08 9.97
CA VAL A 23 -8.56 -7.90 11.33
C VAL A 23 -7.64 -9.06 11.65
N THR A 24 -6.40 -8.74 12.04
CA THR A 24 -5.45 -9.77 12.41
C THR A 24 -5.21 -9.66 13.90
N LEU A 25 -4.97 -10.81 14.51
CA LEU A 25 -4.72 -10.94 15.93
C LEU A 25 -3.43 -11.71 16.21
N THR A 26 -2.64 -11.19 17.12
CA THR A 26 -1.38 -11.81 17.52
C THR A 26 -1.37 -11.91 19.03
N GLN A 27 -1.00 -13.07 19.55
CA GLN A 27 -0.85 -13.23 20.98
C GLN A 27 0.32 -14.15 21.28
N GLU A 28 1.16 -13.65 22.15
CA GLU A 28 2.32 -14.35 22.68
C GLU A 28 1.93 -14.95 24.01
N GLU A 29 2.76 -15.88 24.52
CA GLU A 29 2.79 -16.15 25.95
C GLU A 29 1.35 -16.47 26.44
N ASP A 30 0.90 -15.97 27.57
CA ASP A 30 -0.52 -15.93 27.86
C ASP A 30 -0.77 -14.43 28.11
N GLY A 31 -0.18 -13.62 27.25
CA GLY A 31 -0.16 -12.17 27.36
C GLY A 31 -1.23 -11.36 26.66
N PRO A 32 -0.92 -10.09 26.37
CA PRO A 32 -1.94 -9.29 25.71
C PRO A 32 -2.13 -9.75 24.27
N THR A 33 -3.27 -9.38 23.70
CA THR A 33 -3.57 -9.71 22.32
C THR A 33 -3.46 -8.43 21.51
N THR A 34 -2.65 -8.45 20.47
CA THR A 34 -2.56 -7.27 19.62
C THR A 34 -3.47 -7.43 18.42
N VAL A 35 -4.30 -6.42 18.22
CA VAL A 35 -5.30 -6.44 17.17
C VAL A 35 -4.97 -5.34 16.16
N ASN A 36 -4.77 -5.74 14.91
CA ASN A 36 -4.51 -4.79 13.85
C ASN A 36 -5.76 -4.65 12.99
N VAL A 37 -6.35 -3.46 12.96
CA VAL A 37 -7.64 -3.30 12.30
C VAL A 37 -7.53 -2.41 11.06
N ARG A 38 -7.92 -2.93 9.91
CA ARG A 38 -8.05 -2.10 8.71
C ARG A 38 -9.37 -2.33 8.00
N ILE A 39 -10.24 -1.34 8.08
CA ILE A 39 -11.55 -1.38 7.47
C ILE A 39 -11.79 -0.14 6.59
N THR A 40 -12.51 -0.29 5.48
CA THR A 40 -12.82 0.83 4.60
C THR A 40 -14.33 1.00 4.39
N GLY A 41 -14.72 2.04 3.66
CA GLY A 41 -16.11 2.29 3.34
C GLY A 41 -16.96 2.93 4.44
N LEU A 42 -16.32 3.29 5.55
CA LEU A 42 -17.04 3.80 6.71
C LEU A 42 -17.47 5.26 6.56
N THR A 43 -18.57 5.66 7.23
CA THR A 43 -18.86 7.09 7.41
C THR A 43 -17.71 7.63 8.26
N PRO A 44 -17.15 8.79 7.86
CA PRO A 44 -16.03 9.35 8.64
C PRO A 44 -16.45 9.60 10.09
N GLY A 45 -15.60 9.20 11.03
CA GLY A 45 -15.93 9.32 12.45
C GLY A 45 -15.76 8.02 13.20
N PRO A 46 -16.13 8.03 14.49
CA PRO A 46 -15.94 6.84 15.34
C PRO A 46 -17.03 5.81 15.09
N HIS A 47 -16.65 4.54 15.12
CA HIS A 47 -17.59 3.43 14.95
C HIS A 47 -17.37 2.39 16.04
N GLY A 48 -18.48 1.85 16.54
CA GLY A 48 -18.38 0.81 17.53
C GLY A 48 -17.67 -0.37 16.91
N PHE A 49 -16.64 -0.84 17.59
CA PHE A 49 -15.89 -1.99 17.13
C PHE A 49 -15.80 -3.06 18.22
N HIS A 50 -16.44 -4.20 18.00
CA HIS A 50 -16.59 -5.22 19.05
C HIS A 50 -16.26 -6.67 18.66
N LEU A 51 -15.79 -7.43 19.63
CA LEU A 51 -15.67 -8.87 19.46
C LEU A 51 -16.93 -9.50 20.01
N HIS A 52 -17.76 -10.06 19.14
CA HIS A 52 -19.04 -10.63 19.57
C HIS A 52 -18.88 -12.11 19.88
N GLU A 53 -19.88 -12.67 20.55
CA GLU A 53 -19.78 -13.98 21.18
C GLU A 53 -19.60 -15.13 20.18
N PHE A 54 -20.37 -15.14 19.10
CA PHE A 54 -20.42 -16.31 18.21
C PHE A 54 -19.83 -16.09 16.81
N GLY A 55 -19.21 -17.12 16.27
CA GLY A 55 -18.69 -17.04 14.91
C GLY A 55 -19.71 -17.61 13.92
N ASP A 56 -20.96 -17.19 14.09
CA ASP A 56 -22.09 -17.71 13.31
C ASP A 56 -22.61 -16.68 12.32
N THR A 57 -22.43 -16.93 11.03
CA THR A 57 -22.92 -15.98 10.07
C THR A 57 -24.07 -16.54 9.22
N THR A 58 -24.73 -17.60 9.69
CA THR A 58 -25.83 -18.20 8.94
C THR A 58 -26.97 -17.22 8.78
N ASN A 59 -27.04 -16.27 9.70
CA ASN A 59 -28.06 -15.24 9.65
C ASN A 59 -27.47 -13.83 9.49
N GLY A 60 -26.51 -13.68 8.61
CA GLY A 60 -25.81 -12.42 8.50
C GLY A 60 -25.06 -12.16 9.79
N CYS A 61 -24.72 -10.91 10.04
CA CYS A 61 -24.01 -10.53 11.26
C CYS A 61 -24.87 -10.64 12.53
N ILE A 62 -26.19 -10.70 12.36
CA ILE A 62 -27.12 -10.79 13.48
C ILE A 62 -26.84 -12.04 14.32
N SER A 63 -26.41 -13.10 13.65
CA SER A 63 -26.17 -14.37 14.31
C SER A 63 -24.85 -14.43 15.11
N THR A 64 -24.06 -13.36 15.09
CA THR A 64 -22.84 -13.34 15.91
C THR A 64 -23.15 -13.09 17.39
N GLY A 65 -24.40 -12.73 17.67
CA GLY A 65 -24.89 -12.57 19.02
C GLY A 65 -24.48 -11.25 19.65
N PRO A 66 -24.47 -11.20 21.00
CA PRO A 66 -24.09 -10.01 21.76
C PRO A 66 -22.59 -9.90 21.89
N HIS A 67 -22.11 -8.82 22.51
CA HIS A 67 -20.69 -8.65 22.78
C HIS A 67 -20.22 -9.78 23.66
N PHE A 68 -19.03 -10.29 23.37
CA PHE A 68 -18.47 -11.42 24.09
C PHE A 68 -18.26 -11.02 25.55
N ASN A 69 -18.96 -11.70 26.45
CA ASN A 69 -19.04 -11.26 27.83
C ASN A 69 -18.99 -12.41 28.81
N PRO A 70 -17.81 -13.01 28.97
CA PRO A 70 -17.75 -14.19 29.82
C PRO A 70 -17.75 -13.84 31.32
N LYS A 71 -17.84 -12.56 31.67
CA LYS A 71 -17.85 -12.18 33.07
C LYS A 71 -19.20 -11.65 33.50
N GLY A 72 -20.24 -11.95 32.74
CA GLY A 72 -21.56 -11.38 32.97
C GLY A 72 -21.61 -9.89 33.31
N LEU A 73 -20.63 -9.13 32.82
CA LEU A 73 -20.48 -7.72 33.22
C LEU A 73 -21.22 -6.82 32.25
N THR A 74 -21.18 -5.53 32.53
CA THR A 74 -21.89 -4.55 31.74
C THR A 74 -20.98 -3.93 30.70
N HIS A 75 -21.59 -3.27 29.72
CA HIS A 75 -20.90 -2.62 28.61
C HIS A 75 -20.18 -1.36 29.04
N GLY A 76 -18.90 -1.24 28.70
CA GLY A 76 -18.11 -0.06 29.06
C GLY A 76 -17.08 0.29 28.01
N ALA A 77 -16.01 0.94 28.45
CA ALA A 77 -14.87 1.25 27.59
C ALA A 77 -13.77 0.21 27.79
N PRO A 78 -12.90 0.04 26.78
CA PRO A 78 -11.87 -0.97 26.99
C PRO A 78 -10.99 -0.69 28.20
N GLU A 79 -10.77 0.57 28.56
CA GLU A 79 -9.88 0.90 29.67
C GLU A 79 -10.44 0.61 31.06
N ASP A 80 -11.73 0.83 31.25
CA ASP A 80 -12.34 0.73 32.57
C ASP A 80 -12.59 -0.74 32.87
N GLU A 81 -12.41 -1.16 34.13
CA GLU A 81 -12.52 -2.59 34.45
C GLU A 81 -13.93 -3.17 34.43
N ILE A 82 -14.95 -2.32 34.25
CA ILE A 82 -16.30 -2.82 34.07
C ILE A 82 -16.75 -2.80 32.59
N ARG A 83 -16.26 -3.76 31.81
CA ARG A 83 -16.55 -3.88 30.38
C ARG A 83 -16.85 -5.34 30.02
N HIS A 84 -17.40 -5.54 28.82
CA HIS A 84 -17.40 -6.88 28.22
C HIS A 84 -16.00 -7.16 27.72
N ALA A 85 -15.68 -8.43 27.59
CA ALA A 85 -14.36 -8.82 27.10
C ALA A 85 -14.14 -8.27 25.70
N GLY A 86 -15.20 -8.29 24.90
CA GLY A 86 -15.11 -7.82 23.51
C GLY A 86 -15.39 -6.34 23.35
N ASP A 87 -15.45 -5.59 24.45
CA ASP A 87 -15.72 -4.17 24.35
C ASP A 87 -14.41 -3.48 24.02
N LEU A 88 -14.19 -3.24 22.72
CA LEU A 88 -12.90 -2.75 22.25
C LEU A 88 -13.00 -1.28 21.84
N GLY A 89 -14.13 -0.68 22.22
CA GLY A 89 -14.30 0.75 22.06
C GLY A 89 -14.61 1.18 20.65
N ASN A 90 -14.01 2.29 20.26
CA ASN A 90 -14.28 2.86 18.94
C ASN A 90 -13.06 2.84 18.04
N ILE A 91 -13.33 2.72 16.75
CA ILE A 91 -12.31 2.88 15.73
C ILE A 91 -12.78 4.08 14.94
N VAL A 92 -11.84 4.89 14.48
CA VAL A 92 -12.19 6.14 13.82
C VAL A 92 -11.82 6.11 12.32
N ALA A 93 -12.80 6.40 11.47
CA ALA A 93 -12.55 6.46 10.02
C ALA A 93 -12.17 7.88 9.62
N ASN A 94 -11.14 8.01 8.79
CA ASN A 94 -10.75 9.32 8.31
C ASN A 94 -11.74 9.86 7.28
N ALA A 95 -11.37 10.93 6.59
CA ALA A 95 -12.26 11.53 5.61
C ALA A 95 -12.56 10.57 4.47
N ASP A 96 -11.65 9.62 4.20
CA ASP A 96 -11.86 8.64 3.14
C ASP A 96 -12.67 7.39 3.56
N GLY A 97 -13.12 7.35 4.80
CA GLY A 97 -13.89 6.21 5.29
C GLY A 97 -13.02 5.04 5.71
N VAL A 98 -11.73 5.33 5.86
CA VAL A 98 -10.76 4.33 6.22
C VAL A 98 -10.35 4.42 7.69
N ALA A 99 -10.43 3.30 8.38
CA ALA A 99 -9.99 3.21 9.76
C ALA A 99 -8.88 2.19 9.85
N GLU A 100 -7.68 2.69 10.15
CA GLU A 100 -6.55 1.81 10.38
C GLU A 100 -6.01 2.08 11.77
N VAL A 101 -6.03 1.05 12.61
CA VAL A 101 -5.65 1.22 14.01
C VAL A 101 -5.13 -0.09 14.62
N THR A 102 -4.27 0.02 15.63
CA THR A 102 -3.79 -1.13 16.36
C THR A 102 -4.24 -1.00 17.79
N ILE A 103 -4.76 -2.08 18.32
CA ILE A 103 -5.38 -2.07 19.62
C ILE A 103 -4.74 -3.19 20.40
N VAL A 104 -4.44 -2.93 21.68
CA VAL A 104 -3.91 -3.95 22.56
C VAL A 104 -4.87 -4.11 23.73
N ASP A 105 -5.26 -5.36 23.98
CA ASP A 105 -6.21 -5.67 25.03
C ASP A 105 -5.84 -7.01 25.67
N ASN A 106 -6.34 -7.27 26.89
CA ASN A 106 -6.00 -8.50 27.58
C ASN A 106 -7.21 -9.40 27.91
N GLN A 107 -8.42 -9.01 27.49
CA GLN A 107 -9.56 -9.84 27.82
C GLN A 107 -9.96 -10.69 26.61
N ILE A 108 -9.09 -10.74 25.61
CA ILE A 108 -9.39 -11.48 24.39
C ILE A 108 -8.25 -12.42 24.00
N PRO A 109 -8.02 -13.44 24.81
CA PRO A 109 -6.90 -14.33 24.48
C PRO A 109 -7.18 -15.21 23.26
N LEU A 110 -6.12 -15.69 22.61
CA LEU A 110 -6.29 -16.64 21.50
C LEU A 110 -6.29 -18.07 22.03
N THR A 111 -5.95 -18.22 23.31
CA THR A 111 -6.04 -19.51 24.00
C THR A 111 -6.61 -19.41 25.39
N GLY A 112 -6.88 -20.58 25.93
CA GLY A 112 -7.39 -20.67 27.27
C GLY A 112 -8.88 -20.86 27.21
N PRO A 113 -9.53 -20.87 28.38
CA PRO A 113 -10.95 -21.17 28.48
C PRO A 113 -11.74 -20.11 27.76
N ASN A 114 -11.18 -18.92 27.63
CA ASN A 114 -11.91 -17.82 27.02
C ASN A 114 -11.37 -17.41 25.66
N ALA A 115 -10.81 -18.38 24.93
CA ALA A 115 -10.27 -18.11 23.60
C ALA A 115 -11.35 -17.50 22.73
N VAL A 116 -11.00 -16.52 21.91
CA VAL A 116 -11.98 -15.91 21.03
C VAL A 116 -11.86 -16.48 19.64
N VAL A 117 -10.99 -17.47 19.50
CA VAL A 117 -10.84 -18.20 18.27
C VAL A 117 -12.17 -18.86 17.92
N GLY A 118 -12.59 -18.73 16.67
CA GLY A 118 -13.87 -19.26 16.27
C GLY A 118 -15.02 -18.36 16.69
N ARG A 119 -14.70 -17.18 17.21
CA ARG A 119 -15.70 -16.15 17.50
C ARG A 119 -15.68 -15.08 16.42
N ALA A 120 -16.25 -13.91 16.69
CA ALA A 120 -16.41 -12.93 15.63
C ALA A 120 -16.04 -11.52 15.99
N PHE A 121 -15.78 -10.72 14.96
CA PHE A 121 -15.61 -9.28 15.05
C PHE A 121 -16.75 -8.62 14.30
N VAL A 122 -17.23 -7.50 14.82
CA VAL A 122 -18.26 -6.69 14.17
C VAL A 122 -17.90 -5.21 14.24
N VAL A 123 -17.97 -4.50 13.10
CA VAL A 123 -17.81 -3.04 13.11
C VAL A 123 -19.20 -2.45 12.97
N HIS A 124 -19.47 -1.37 13.69
CA HIS A 124 -20.86 -0.92 13.85
C HIS A 124 -21.27 0.41 13.21
N GLU A 125 -22.57 0.58 13.06
CA GLU A 125 -23.14 1.78 12.48
C GLU A 125 -22.80 3.07 13.20
N LEU A 126 -22.90 3.08 14.53
CA LEU A 126 -22.82 4.34 15.28
C LEU A 126 -21.65 4.34 16.25
N GLU A 127 -21.41 5.49 16.84
CA GLU A 127 -20.38 5.63 17.84
C GLU A 127 -20.77 4.83 19.08
N ASP A 128 -19.79 4.18 19.68
CA ASP A 128 -19.98 3.50 20.96
C ASP A 128 -19.93 4.58 22.03
N ASP A 129 -21.01 4.73 22.81
CA ASP A 129 -21.04 5.75 23.86
C ASP A 129 -20.37 5.28 25.12
N LEU A 130 -19.75 4.11 25.06
CA LEU A 130 -18.88 3.57 26.11
C LEU A 130 -19.64 3.25 27.39
N GLY A 131 -20.96 3.16 27.27
CA GLY A 131 -21.81 2.87 28.40
C GLY A 131 -22.09 4.14 29.19
N LYS A 132 -21.93 5.28 28.54
CA LYS A 132 -22.42 6.53 29.10
C LYS A 132 -23.22 7.32 28.11
N GLY A 133 -24.52 7.17 28.07
CA GLY A 133 -25.32 7.71 26.99
C GLY A 133 -26.19 8.81 27.51
N GLY A 134 -26.83 8.59 28.64
CA GLY A 134 -27.06 7.28 29.19
C GLY A 134 -28.25 6.97 28.36
N HIS A 135 -28.23 5.85 27.68
CA HIS A 135 -29.28 5.52 26.78
C HIS A 135 -29.77 4.29 27.39
N GLU A 136 -30.95 3.87 27.03
CA GLU A 136 -31.37 2.54 27.42
C GLU A 136 -30.33 1.48 27.07
N LEU A 137 -29.80 1.60 25.86
CA LEU A 137 -28.92 0.61 25.28
C LEU A 137 -27.46 0.83 25.59
N SER A 138 -27.12 1.99 26.19
CA SER A 138 -25.72 2.33 26.48
C SER A 138 -25.01 1.26 27.28
N LEU A 139 -25.75 0.53 28.09
CA LEU A 139 -25.16 -0.39 29.03
C LEU A 139 -25.09 -1.84 28.53
N SER A 140 -25.61 -2.09 27.33
CA SER A 140 -25.47 -3.40 26.69
C SER A 140 -24.63 -3.36 25.40
N THR A 141 -24.93 -2.34 24.59
CA THR A 141 -24.45 -2.19 23.22
C THR A 141 -23.57 -0.95 22.99
N GLY A 142 -23.91 0.05 23.76
CA GLY A 142 -23.33 1.35 23.68
C GLY A 142 -24.07 2.23 22.72
N ASN A 143 -25.14 1.76 22.10
CA ASN A 143 -25.76 2.42 20.97
C ASN A 143 -25.08 2.34 19.61
N ALA A 144 -24.10 1.48 19.44
CA ALA A 144 -23.23 1.38 18.25
C ALA A 144 -24.04 1.15 16.95
N GLY A 145 -25.32 0.82 17.11
CA GLY A 145 -26.23 0.75 15.99
C GLY A 145 -26.09 -0.57 15.29
N GLY A 146 -26.43 -0.58 14.01
CA GLY A 146 -26.42 -1.83 13.29
C GLY A 146 -25.04 -2.38 13.03
N ARG A 147 -25.02 -3.60 12.52
CA ARG A 147 -23.81 -4.35 12.28
C ARG A 147 -23.44 -4.20 10.81
N LEU A 148 -22.44 -3.37 10.55
CA LEU A 148 -22.08 -3.02 9.18
C LEU A 148 -21.33 -4.17 8.47
N ALA A 149 -20.43 -4.83 9.18
CA ALA A 149 -19.71 -5.96 8.61
C ALA A 149 -19.19 -6.82 9.74
N CYS A 150 -19.06 -8.13 9.49
CA CYS A 150 -18.52 -9.01 10.51
C CYS A 150 -17.71 -10.15 9.92
N GLY A 151 -16.91 -10.80 10.75
CA GLY A 151 -16.17 -11.96 10.29
C GLY A 151 -15.81 -12.88 11.42
N VAL A 152 -15.72 -14.17 11.09
CA VAL A 152 -15.40 -15.20 12.05
C VAL A 152 -13.90 -15.26 12.23
N ILE A 153 -13.44 -15.33 13.48
CA ILE A 153 -12.00 -15.36 13.76
C ILE A 153 -11.38 -16.74 13.58
N GLY A 154 -10.46 -16.88 12.63
CA GLY A 154 -9.88 -18.18 12.36
C GLY A 154 -8.36 -18.27 12.51
N LEU A 155 -7.87 -19.49 12.66
CA LEU A 155 -6.44 -19.73 12.84
C LEU A 155 -5.73 -19.43 11.53
N THR A 156 -4.51 -18.95 11.65
CA THR A 156 -3.67 -18.62 10.50
C THR A 156 -2.21 -18.83 10.88
N PRO A 157 -1.37 -19.26 9.92
CA PRO A 157 0.04 -19.64 10.17
C PRO A 157 0.86 -18.63 10.98
N THR A 158 1.98 -19.13 11.50
CA THR A 158 2.97 -18.37 12.29
C THR A 158 2.34 -18.27 13.69
N LYS B 6 -25.29 14.40 -17.85
CA LYS B 6 -24.52 14.00 -16.65
C LYS B 6 -25.16 12.85 -15.90
N LYS B 7 -24.85 11.62 -16.27
CA LYS B 7 -25.36 10.45 -15.59
C LYS B 7 -24.23 9.77 -14.84
N LYS B 8 -24.58 9.06 -13.77
CA LYS B 8 -23.59 8.46 -12.88
C LYS B 8 -23.94 7.02 -12.50
N ALA B 9 -22.92 6.17 -12.39
CA ALA B 9 -23.15 4.79 -11.98
C ALA B 9 -22.10 4.35 -10.99
N VAL B 10 -22.32 3.20 -10.38
CA VAL B 10 -21.43 2.68 -9.34
C VAL B 10 -21.49 1.15 -9.32
N ALA B 11 -20.36 0.52 -9.04
CA ALA B 11 -20.32 -0.93 -8.82
C ALA B 11 -19.59 -1.25 -7.51
N VAL B 12 -20.23 -1.99 -6.61
CA VAL B 12 -19.54 -2.38 -5.38
C VAL B 12 -18.92 -3.75 -5.60
N LEU B 13 -17.59 -3.83 -5.51
CA LEU B 13 -16.84 -5.05 -5.89
C LEU B 13 -16.58 -6.02 -4.75
N LYS B 14 -17.10 -7.23 -4.88
CA LYS B 14 -17.01 -8.26 -3.82
C LYS B 14 -16.58 -9.65 -4.29
N GLY B 15 -16.08 -10.46 -3.37
CA GLY B 15 -15.69 -11.82 -3.69
C GLY B 15 -15.42 -12.66 -2.45
N ASN B 16 -14.77 -13.80 -2.64
CA ASN B 16 -14.50 -14.70 -1.52
C ASN B 16 -13.24 -14.31 -0.72
N SER B 17 -12.54 -13.27 -1.14
CA SER B 17 -11.29 -12.89 -0.50
C SER B 17 -11.36 -11.55 0.17
N ALA B 18 -10.21 -11.08 0.63
CA ALA B 18 -10.09 -9.75 1.22
C ALA B 18 -10.18 -8.67 0.13
N VAL B 19 -10.11 -9.10 -1.12
CA VAL B 19 -10.22 -8.16 -2.22
C VAL B 19 -11.64 -7.65 -2.24
N GLU B 20 -11.77 -6.34 -2.11
CA GLU B 20 -13.04 -5.60 -2.06
C GLU B 20 -12.82 -4.31 -2.83
N GLY B 21 -13.89 -3.64 -3.24
CA GLY B 21 -13.69 -2.34 -3.85
C GLY B 21 -14.94 -1.62 -4.29
N VAL B 22 -14.74 -0.38 -4.72
CA VAL B 22 -15.80 0.45 -5.24
C VAL B 22 -15.36 1.11 -6.52
N VAL B 23 -16.25 1.09 -7.49
CA VAL B 23 -16.02 1.73 -8.76
C VAL B 23 -17.16 2.71 -8.99
N THR B 24 -16.83 3.97 -9.20
CA THR B 24 -17.85 4.94 -9.50
C THR B 24 -17.65 5.40 -10.95
N LEU B 25 -18.73 5.71 -11.67
CA LEU B 25 -18.58 6.08 -13.09
C LEU B 25 -19.26 7.40 -13.36
N THR B 26 -18.62 8.25 -14.13
CA THR B 26 -19.23 9.53 -14.48
C THR B 26 -19.18 9.77 -15.96
N GLN B 27 -20.32 10.15 -16.53
CA GLN B 27 -20.34 10.49 -17.95
C GLN B 27 -21.33 11.61 -18.24
N GLU B 28 -20.87 12.63 -18.96
CA GLU B 28 -21.73 13.72 -19.40
C GLU B 28 -22.17 13.50 -20.85
N GLU B 29 -23.47 13.53 -21.11
CA GLU B 29 -23.99 13.59 -22.48
C GLU B 29 -23.40 12.44 -23.32
N ASP B 30 -22.76 12.76 -24.45
CA ASP B 30 -22.01 11.75 -25.20
C ASP B 30 -20.50 11.95 -25.16
N GLY B 31 -19.97 12.21 -23.96
CA GLY B 31 -18.54 12.39 -23.78
C GLY B 31 -17.80 11.14 -23.29
N PRO B 32 -16.59 11.32 -22.78
CA PRO B 32 -15.93 10.14 -22.24
C PRO B 32 -16.52 9.77 -20.88
N THR B 33 -16.25 8.55 -20.44
CA THR B 33 -16.70 8.07 -19.15
C THR B 33 -15.50 8.05 -18.21
N THR B 34 -15.65 8.69 -17.05
CA THR B 34 -14.62 8.71 -16.00
C THR B 34 -14.88 7.68 -14.90
N VAL B 35 -13.88 6.83 -14.66
CA VAL B 35 -14.00 5.73 -13.72
C VAL B 35 -13.03 5.87 -12.53
N ASN B 36 -13.56 5.95 -11.32
CA ASN B 36 -12.75 6.02 -10.10
C ASN B 36 -12.76 4.65 -9.46
N VAL B 37 -11.57 4.05 -9.35
CA VAL B 37 -11.48 2.70 -8.86
C VAL B 37 -10.68 2.71 -7.56
N ARG B 38 -11.28 2.18 -6.51
CA ARG B 38 -10.53 1.95 -5.31
C ARG B 38 -10.82 0.55 -4.78
N ILE B 39 -9.79 -0.29 -4.82
CA ILE B 39 -9.86 -1.67 -4.40
C ILE B 39 -8.81 -1.90 -3.32
N THR B 40 -9.07 -2.75 -2.34
CA THR B 40 -8.05 -3.08 -1.33
C THR B 40 -7.87 -4.59 -1.26
N GLY B 41 -6.91 -5.05 -0.47
CA GLY B 41 -6.68 -6.47 -0.29
C GLY B 41 -5.91 -7.15 -1.39
N LEU B 42 -5.44 -6.40 -2.37
CA LEU B 42 -4.77 -7.01 -3.51
C LEU B 42 -3.30 -7.44 -3.28
N THR B 43 -2.84 -8.37 -4.09
CA THR B 43 -1.43 -8.72 -4.11
C THR B 43 -0.65 -7.54 -4.67
N PRO B 44 0.43 -7.07 -3.90
CA PRO B 44 1.09 -5.89 -4.46
C PRO B 44 1.54 -6.10 -5.91
N GLY B 45 1.24 -5.14 -6.77
CA GLY B 45 1.62 -5.23 -8.19
C GLY B 45 0.45 -4.94 -9.09
N PRO B 46 0.63 -5.11 -10.41
CA PRO B 46 -0.44 -4.85 -11.38
C PRO B 46 -1.46 -6.00 -11.48
N HIS B 47 -2.73 -5.61 -11.67
CA HIS B 47 -3.85 -6.53 -11.81
C HIS B 47 -4.77 -6.14 -12.98
N GLY B 48 -5.24 -7.12 -13.74
CA GLY B 48 -6.12 -6.87 -14.85
C GLY B 48 -7.38 -6.27 -14.33
N PHE B 49 -7.82 -5.15 -14.91
CA PHE B 49 -9.09 -4.52 -14.51
C PHE B 49 -9.98 -4.24 -15.72
N HIS B 50 -11.07 -5.00 -15.81
CA HIS B 50 -11.87 -5.05 -17.00
C HIS B 50 -13.35 -4.89 -16.75
N LEU B 51 -14.05 -4.33 -17.73
CA LEU B 51 -15.50 -4.28 -17.73
C LEU B 51 -15.99 -5.50 -18.52
N HIS B 52 -16.67 -6.43 -17.86
CA HIS B 52 -17.15 -7.65 -18.50
C HIS B 52 -18.58 -7.52 -19.01
N GLU B 53 -18.98 -8.45 -19.87
CA GLU B 53 -20.25 -8.25 -20.60
C GLU B 53 -21.48 -8.24 -19.73
N PHE B 54 -21.58 -9.15 -18.77
CA PHE B 54 -22.85 -9.28 -18.08
C PHE B 54 -22.85 -8.89 -16.59
N GLY B 55 -23.95 -8.27 -16.17
CA GLY B 55 -24.08 -7.93 -14.78
C GLY B 55 -24.77 -9.05 -14.03
N ASP B 56 -24.25 -10.24 -14.16
CA ASP B 56 -24.84 -11.39 -13.55
C ASP B 56 -23.94 -12.10 -12.60
N THR B 57 -24.31 -12.15 -11.35
CA THR B 57 -23.49 -12.89 -10.39
C THR B 57 -24.15 -14.11 -9.86
N THR B 58 -24.94 -14.78 -10.67
CA THR B 58 -25.67 -15.91 -10.10
C THR B 58 -24.64 -17.04 -9.91
N ASN B 59 -23.60 -17.00 -10.72
CA ASN B 59 -22.54 -17.98 -10.65
C ASN B 59 -21.22 -17.33 -10.24
N GLY B 60 -21.27 -16.48 -9.21
CA GLY B 60 -20.08 -15.75 -8.80
C GLY B 60 -19.68 -14.82 -9.93
N CYS B 61 -18.43 -14.38 -9.95
CA CYS B 61 -17.95 -13.51 -11.01
C CYS B 61 -17.90 -14.19 -12.40
N ILE B 62 -18.09 -15.49 -12.42
CA ILE B 62 -18.02 -16.29 -13.65
C ILE B 62 -19.12 -15.93 -14.64
N SER B 63 -20.31 -15.62 -14.14
CA SER B 63 -21.46 -15.36 -15.00
C SER B 63 -21.44 -13.95 -15.60
N THR B 64 -20.46 -13.14 -15.24
CA THR B 64 -20.30 -11.83 -15.84
C THR B 64 -19.73 -11.95 -17.27
N GLY B 65 -19.34 -13.17 -17.65
CA GLY B 65 -18.97 -13.47 -19.01
C GLY B 65 -17.59 -12.96 -19.38
N PRO B 66 -17.37 -12.75 -20.69
CA PRO B 66 -16.10 -12.25 -21.23
C PRO B 66 -16.00 -10.74 -21.11
N HIS B 67 -14.88 -10.16 -21.54
CA HIS B 67 -14.75 -8.71 -21.58
C HIS B 67 -15.82 -8.12 -22.51
N PHE B 68 -16.38 -6.99 -22.14
CA PHE B 68 -17.44 -6.36 -22.93
C PHE B 68 -16.84 -6.02 -24.29
N ASN B 69 -17.41 -6.58 -25.35
CA ASN B 69 -16.77 -6.45 -26.66
C ASN B 69 -17.75 -6.31 -27.83
N PRO B 70 -18.45 -5.18 -27.90
CA PRO B 70 -19.45 -5.11 -28.95
C PRO B 70 -18.88 -4.88 -30.35
N LYS B 71 -17.58 -4.66 -30.45
CA LYS B 71 -16.99 -4.38 -31.75
C LYS B 71 -16.26 -5.62 -32.23
N GLY B 72 -16.61 -6.78 -31.68
CA GLY B 72 -15.97 -8.02 -32.08
C GLY B 72 -14.46 -8.08 -32.26
N LEU B 73 -13.69 -7.32 -31.48
CA LEU B 73 -12.22 -7.26 -31.65
C LEU B 73 -11.47 -8.16 -30.65
N THR B 74 -10.14 -8.21 -30.78
CA THR B 74 -9.30 -9.03 -29.94
C THR B 74 -8.81 -8.17 -28.78
N HIS B 75 -8.24 -8.82 -27.78
CA HIS B 75 -7.85 -8.15 -26.56
C HIS B 75 -6.66 -7.22 -26.72
N GLY B 76 -6.77 -6.00 -26.20
CA GLY B 76 -5.68 -5.06 -26.28
C GLY B 76 -5.57 -4.19 -25.05
N ALA B 77 -4.91 -3.06 -25.22
CA ALA B 77 -4.72 -2.07 -24.16
C ALA B 77 -5.75 -0.92 -24.30
N PRO B 78 -6.00 -0.17 -23.21
CA PRO B 78 -7.02 0.87 -23.37
C PRO B 78 -6.66 1.85 -24.50
N GLU B 79 -5.36 2.08 -24.66
CA GLU B 79 -4.84 3.02 -25.66
C GLU B 79 -4.93 2.52 -27.13
N ASP B 80 -5.04 1.21 -27.33
CA ASP B 80 -5.02 0.54 -28.63
C ASP B 80 -6.36 0.68 -29.33
N GLU B 81 -6.36 0.86 -30.64
CA GLU B 81 -7.65 0.87 -31.33
C GLU B 81 -8.16 -0.56 -31.43
N ILE B 82 -7.26 -1.51 -31.28
CA ILE B 82 -7.61 -2.93 -31.32
C ILE B 82 -7.74 -3.50 -29.89
N ARG B 83 -8.87 -3.17 -29.27
CA ARG B 83 -9.19 -3.56 -27.91
C ARG B 83 -10.64 -3.96 -27.84
N HIS B 84 -11.02 -4.60 -26.72
CA HIS B 84 -12.43 -4.72 -26.34
C HIS B 84 -12.87 -3.41 -25.74
N ALA B 85 -14.16 -3.15 -25.73
CA ALA B 85 -14.64 -1.96 -25.08
C ALA B 85 -14.30 -2.02 -23.59
N GLY B 86 -14.33 -3.20 -23.01
CA GLY B 86 -14.09 -3.32 -21.58
C GLY B 86 -12.63 -3.44 -21.20
N ASP B 87 -11.74 -3.19 -22.14
CA ASP B 87 -10.31 -3.28 -21.83
C ASP B 87 -9.77 -2.02 -21.15
N LEU B 88 -9.73 -2.04 -19.82
CA LEU B 88 -9.34 -0.87 -19.05
C LEU B 88 -7.96 -1.03 -18.44
N GLY B 89 -7.23 -2.05 -18.91
CA GLY B 89 -5.82 -2.19 -18.59
C GLY B 89 -5.50 -2.78 -17.24
N ASN B 90 -4.47 -2.23 -16.59
CA ASN B 90 -4.02 -2.72 -15.30
C ASN B 90 -4.21 -1.62 -14.25
N ILE B 91 -4.45 -2.04 -13.01
CA ILE B 91 -4.47 -1.14 -11.86
C ILE B 91 -3.34 -1.67 -11.00
N VAL B 92 -2.62 -0.80 -10.30
CA VAL B 92 -1.43 -1.26 -9.58
C VAL B 92 -1.63 -1.14 -8.06
N ALA B 93 -1.45 -2.23 -7.32
CA ALA B 93 -1.62 -2.18 -5.87
C ALA B 93 -0.30 -1.89 -5.16
N ASN B 94 -0.32 -1.01 -4.17
CA ASN B 94 0.90 -0.69 -3.46
C ASN B 94 1.25 -1.83 -2.52
N ALA B 95 2.21 -1.59 -1.64
CA ALA B 95 2.65 -2.64 -0.72
C ALA B 95 1.57 -3.05 0.30
N ASP B 96 0.65 -2.13 0.59
CA ASP B 96 -0.44 -2.45 1.52
C ASP B 96 -1.63 -3.10 0.84
N GLY B 97 -1.48 -3.36 -0.46
CA GLY B 97 -2.52 -4.01 -1.23
C GLY B 97 -3.61 -3.08 -1.69
N VAL B 98 -3.37 -1.78 -1.62
CA VAL B 98 -4.37 -0.81 -2.02
C VAL B 98 -4.07 -0.21 -3.38
N ALA B 99 -5.04 -0.30 -4.28
CA ALA B 99 -4.94 0.29 -5.62
C ALA B 99 -6.04 1.32 -5.86
N GLU B 100 -5.65 2.57 -6.05
CA GLU B 100 -6.59 3.60 -6.41
C GLU B 100 -6.19 4.23 -7.71
N VAL B 101 -7.12 4.28 -8.68
CA VAL B 101 -6.81 4.81 -9.98
C VAL B 101 -8.06 5.42 -10.62
N THR B 102 -7.86 6.45 -11.42
CA THR B 102 -8.94 7.11 -12.13
C THR B 102 -8.68 7.07 -13.61
N ILE B 103 -9.69 6.69 -14.37
CA ILE B 103 -9.52 6.38 -15.80
C ILE B 103 -10.57 7.08 -16.67
N VAL B 104 -10.16 7.50 -17.86
CA VAL B 104 -11.06 8.11 -18.84
C VAL B 104 -11.09 7.23 -20.10
N ASP B 105 -12.30 6.90 -20.55
CA ASP B 105 -12.45 6.02 -21.70
C ASP B 105 -13.68 6.38 -22.51
N ASN B 106 -13.72 5.99 -23.78
CA ASN B 106 -14.86 6.40 -24.52
C ASN B 106 -15.68 5.22 -24.89
N GLN B 107 -15.24 4.04 -24.53
CA GLN B 107 -15.94 2.91 -25.06
C GLN B 107 -16.88 2.32 -24.05
N ILE B 108 -17.06 2.99 -22.93
CA ILE B 108 -17.89 2.46 -21.88
C ILE B 108 -18.87 3.52 -21.39
N PRO B 109 -19.78 3.92 -22.28
CA PRO B 109 -20.73 4.99 -21.98
C PRO B 109 -21.82 4.52 -21.02
N LEU B 110 -22.45 5.47 -20.36
CA LEU B 110 -23.52 5.10 -19.46
C LEU B 110 -24.87 5.07 -20.19
N THR B 111 -24.91 5.58 -21.42
CA THR B 111 -26.16 5.53 -22.19
C THR B 111 -25.90 5.18 -23.65
N GLY B 112 -26.99 4.91 -24.35
CA GLY B 112 -26.87 4.62 -25.76
C GLY B 112 -26.85 3.13 -25.97
N PRO B 113 -26.69 2.71 -27.23
CA PRO B 113 -26.70 1.31 -27.65
C PRO B 113 -25.58 0.47 -27.01
N ASN B 114 -24.51 1.10 -26.54
CA ASN B 114 -23.48 0.35 -25.84
C ASN B 114 -23.35 0.68 -24.36
N ALA B 115 -24.45 1.06 -23.73
CA ALA B 115 -24.41 1.40 -22.31
C ALA B 115 -23.81 0.27 -21.49
N VAL B 116 -23.00 0.60 -20.49
CA VAL B 116 -22.37 -0.41 -19.65
C VAL B 116 -23.12 -0.58 -18.36
N VAL B 117 -24.24 0.14 -18.26
CA VAL B 117 -25.13 0.03 -17.12
C VAL B 117 -25.68 -1.39 -17.03
N GLY B 118 -25.65 -1.99 -15.85
CA GLY B 118 -26.17 -3.33 -15.73
C GLY B 118 -25.21 -4.41 -16.21
N ARG B 119 -23.99 -3.98 -16.54
CA ARG B 119 -22.91 -4.92 -16.83
C ARG B 119 -22.07 -4.95 -15.57
N ALA B 120 -20.84 -5.43 -15.66
CA ALA B 120 -20.05 -5.64 -14.46
C ALA B 120 -18.61 -5.22 -14.61
N PHE B 121 -17.95 -5.05 -13.46
CA PHE B 121 -16.50 -4.82 -13.40
C PHE B 121 -15.86 -6.02 -12.75
N VAL B 122 -14.68 -6.41 -13.22
CA VAL B 122 -13.95 -7.49 -12.59
C VAL B 122 -12.48 -7.09 -12.42
N VAL B 123 -11.95 -7.31 -11.22
CA VAL B 123 -10.53 -7.11 -11.00
C VAL B 123 -9.91 -8.54 -10.94
N HIS B 124 -8.74 -8.71 -11.55
CA HIS B 124 -8.23 -10.06 -11.81
C HIS B 124 -6.99 -10.47 -11.01
N GLU B 125 -6.77 -11.77 -10.96
CA GLU B 125 -5.64 -12.35 -10.25
C GLU B 125 -4.29 -11.78 -10.73
N LEU B 126 -4.15 -11.63 -12.04
CA LEU B 126 -2.84 -11.32 -12.62
C LEU B 126 -2.74 -10.05 -13.40
N GLU B 127 -1.52 -9.74 -13.81
CA GLU B 127 -1.28 -8.61 -14.67
C GLU B 127 -1.96 -8.87 -15.99
N ASP B 128 -2.56 -7.83 -16.57
CA ASP B 128 -3.05 -7.90 -17.95
C ASP B 128 -1.83 -7.74 -18.85
N ASP B 129 -1.55 -8.71 -19.72
CA ASP B 129 -0.37 -8.55 -20.58
C ASP B 129 -0.65 -7.67 -21.79
N LEU B 130 -1.83 -7.04 -21.81
CA LEU B 130 -2.22 -6.02 -22.80
C LEU B 130 -2.36 -6.56 -24.22
N GLY B 131 -2.12 -7.84 -24.40
CA GLY B 131 -2.24 -8.48 -25.71
C GLY B 131 -0.90 -8.57 -26.41
N LYS B 132 0.13 -8.50 -25.60
CA LYS B 132 1.47 -8.32 -26.08
C LYS B 132 2.40 -9.33 -25.51
N GLY B 133 1.88 -10.32 -24.81
CA GLY B 133 2.73 -11.17 -24.02
C GLY B 133 3.18 -12.47 -24.65
N GLY B 134 2.70 -12.73 -25.85
CA GLY B 134 3.03 -13.91 -26.58
C GLY B 134 2.41 -15.14 -26.02
N HIS B 135 1.17 -15.07 -25.58
CA HIS B 135 0.54 -16.19 -24.91
C HIS B 135 -0.81 -16.47 -25.51
N GLU B 136 -1.21 -17.73 -25.45
CA GLU B 136 -2.47 -18.16 -26.00
C GLU B 136 -3.65 -17.31 -25.57
N LEU B 137 -3.66 -16.90 -24.31
CA LEU B 137 -4.75 -16.13 -23.74
C LEU B 137 -4.59 -14.61 -23.91
N SER B 138 -3.46 -14.15 -24.44
CA SER B 138 -3.23 -12.71 -24.60
C SER B 138 -4.31 -12.02 -25.45
N LEU B 139 -4.87 -12.71 -26.42
CA LEU B 139 -5.77 -12.02 -27.33
C LEU B 139 -7.23 -12.16 -26.97
N SER B 140 -7.52 -12.86 -25.89
CA SER B 140 -8.87 -12.87 -25.39
C SER B 140 -8.92 -12.16 -24.03
N THR B 141 -8.00 -12.52 -23.13
CA THR B 141 -8.05 -12.02 -21.75
C THR B 141 -6.82 -11.19 -21.39
N GLY B 142 -5.65 -11.61 -21.84
CA GLY B 142 -4.42 -10.93 -21.51
C GLY B 142 -3.74 -11.67 -20.38
N ASN B 143 -3.94 -12.99 -20.41
CA ASN B 143 -3.81 -13.82 -19.21
C ASN B 143 -4.66 -12.93 -18.34
N ALA B 144 -4.07 -12.46 -17.24
CA ALA B 144 -4.77 -11.82 -16.13
C ALA B 144 -5.47 -12.77 -15.16
N GLY B 145 -5.58 -14.05 -15.50
CA GLY B 145 -6.04 -14.99 -14.51
C GLY B 145 -7.47 -14.94 -14.05
N GLY B 146 -7.67 -15.43 -12.83
CA GLY B 146 -8.97 -15.54 -12.21
C GLY B 146 -9.64 -14.26 -11.73
N ARG B 147 -10.90 -14.41 -11.34
CA ARG B 147 -11.74 -13.27 -11.00
C ARG B 147 -11.81 -13.07 -9.49
N LEU B 148 -11.06 -12.08 -8.99
CA LEU B 148 -10.90 -11.86 -7.56
C LEU B 148 -12.13 -11.24 -6.88
N ALA B 149 -12.74 -10.28 -7.58
CA ALA B 149 -13.95 -9.63 -7.11
C ALA B 149 -14.61 -8.99 -8.31
N CYS B 150 -15.93 -8.86 -8.26
CA CYS B 150 -16.72 -8.20 -9.30
C CYS B 150 -17.96 -7.50 -8.70
N GLY B 151 -18.61 -6.66 -9.48
CA GLY B 151 -19.86 -6.05 -9.03
C GLY B 151 -20.72 -5.55 -10.18
N VAL B 152 -22.03 -5.52 -9.98
CA VAL B 152 -22.91 -5.06 -11.03
C VAL B 152 -22.94 -3.53 -11.05
N ILE B 153 -22.83 -2.95 -12.24
CA ILE B 153 -22.80 -1.50 -12.44
C ILE B 153 -24.20 -0.95 -12.34
N GLY B 154 -24.44 -0.09 -11.35
CA GLY B 154 -25.78 0.40 -11.15
C GLY B 154 -25.91 1.91 -11.17
N LEU B 155 -27.11 2.38 -11.44
CA LEU B 155 -27.35 3.83 -11.48
C LEU B 155 -27.34 4.40 -10.07
N THR B 156 -26.84 5.62 -9.96
CA THR B 156 -26.74 6.26 -8.67
C THR B 156 -26.98 7.78 -8.84
N PRO B 157 -27.56 8.44 -7.81
CA PRO B 157 -27.96 9.84 -7.92
C PRO B 157 -26.86 10.79 -8.44
N THR B 158 -27.29 11.96 -8.94
CA THR B 158 -26.45 13.06 -9.45
C THR B 158 -26.00 12.73 -10.91
N LYS C 6 17.59 -8.78 15.79
CA LYS C 6 18.97 -8.29 15.90
C LYS C 6 19.25 -7.20 14.86
N LYS C 7 18.79 -5.98 15.13
CA LYS C 7 19.08 -4.83 14.27
C LYS C 7 19.89 -3.76 14.99
N LYS C 8 20.75 -3.06 14.26
CA LYS C 8 21.65 -2.08 14.87
C LYS C 8 21.71 -0.81 13.99
N ALA C 9 21.82 0.35 14.63
CA ALA C 9 21.89 1.60 13.92
C ALA C 9 22.91 2.52 14.58
N VAL C 10 23.24 3.62 13.92
CA VAL C 10 24.18 4.59 14.49
C VAL C 10 23.90 6.01 13.99
N ALA C 11 24.08 6.97 14.89
CA ALA C 11 23.99 8.37 14.52
C ALA C 11 25.27 9.09 14.95
N VAL C 12 25.90 9.82 14.04
CA VAL C 12 27.07 10.63 14.39
C VAL C 12 26.62 12.03 14.67
N LEU C 13 26.88 12.55 15.87
CA LEU C 13 26.32 13.85 16.23
C LEU C 13 27.29 15.01 15.99
N LYS C 14 26.89 15.93 15.11
CA LYS C 14 27.75 17.06 14.73
C LYS C 14 26.92 18.32 14.74
N GLY C 15 27.58 19.47 14.87
CA GLY C 15 26.90 20.76 14.97
C GLY C 15 27.83 21.94 14.82
N ASN C 16 27.41 23.09 15.31
CA ASN C 16 28.18 24.32 15.12
C ASN C 16 29.39 24.51 16.06
N SER C 17 29.39 23.77 17.17
CA SER C 17 30.34 23.98 18.25
C SER C 17 31.21 22.76 18.50
N ALA C 18 31.83 22.73 19.68
CA ALA C 18 32.67 21.61 20.07
C ALA C 18 31.84 20.39 20.30
N VAL C 19 30.53 20.56 20.41
CA VAL C 19 29.68 19.43 20.72
C VAL C 19 29.60 18.41 19.57
N GLU C 20 30.15 17.22 19.81
CA GLU C 20 30.01 16.12 18.87
C GLU C 20 30.00 14.79 19.62
N GLY C 21 29.47 13.76 18.98
CA GLY C 21 29.32 12.47 19.64
C GLY C 21 28.76 11.37 18.77
N VAL C 22 28.62 10.20 19.39
CA VAL C 22 28.18 9.02 18.68
C VAL C 22 27.09 8.33 19.45
N VAL C 23 26.05 7.91 18.74
CA VAL C 23 24.96 7.21 19.37
C VAL C 23 24.75 5.89 18.61
N THR C 24 24.84 4.76 19.31
CA THR C 24 24.59 3.49 18.64
C THR C 24 23.29 2.97 19.20
N LEU C 25 22.55 2.26 18.37
CA LEU C 25 21.26 1.75 18.77
C LEU C 25 21.29 0.27 18.49
N THR C 26 20.78 -0.50 19.44
CA THR C 26 20.67 -1.93 19.28
C THR C 26 19.24 -2.33 19.60
N GLN C 27 18.63 -3.13 18.75
CA GLN C 27 17.30 -3.66 19.05
C GLN C 27 17.13 -5.06 18.51
N GLU C 28 16.76 -5.97 19.40
CA GLU C 28 16.44 -7.36 19.07
C GLU C 28 14.93 -7.46 18.96
N GLU C 29 14.38 -8.61 18.54
CA GLU C 29 12.96 -8.88 18.78
C GLU C 29 12.06 -7.75 18.14
N ASP C 30 11.01 -7.33 18.82
CA ASP C 30 10.24 -6.09 18.63
C ASP C 30 10.09 -5.55 20.07
N GLY C 31 11.17 -4.98 20.60
CA GLY C 31 11.16 -4.52 21.97
C GLY C 31 11.97 -3.29 22.30
N PRO C 32 12.55 -3.33 23.50
CA PRO C 32 13.34 -2.16 23.87
C PRO C 32 14.54 -1.98 23.00
N THR C 33 14.92 -0.72 22.87
CA THR C 33 16.06 -0.32 22.09
C THR C 33 17.12 0.07 23.09
N THR C 34 18.32 -0.48 22.94
CA THR C 34 19.39 -0.04 23.81
C THR C 34 20.22 0.99 23.06
N VAL C 35 20.38 2.14 23.69
CA VAL C 35 21.02 3.27 23.04
C VAL C 35 22.28 3.72 23.76
N ASN C 36 23.42 3.65 23.11
CA ASN C 36 24.62 4.12 23.78
C ASN C 36 25.10 5.44 23.25
N VAL C 37 25.18 6.39 24.17
CA VAL C 37 25.46 7.75 23.85
C VAL C 37 26.79 8.18 24.42
N ARG C 38 27.65 8.70 23.55
CA ARG C 38 28.89 9.32 24.00
C ARG C 38 29.04 10.66 23.32
N ILE C 39 28.86 11.72 24.09
CA ILE C 39 28.94 13.10 23.59
C ILE C 39 29.95 13.90 24.40
N THR C 40 30.73 14.75 23.74
CA THR C 40 31.72 15.60 24.42
C THR C 40 31.53 17.06 24.06
N GLY C 41 32.33 17.92 24.69
CA GLY C 41 32.30 19.33 24.37
C GLY C 41 31.09 20.00 25.00
N LEU C 42 30.35 19.23 25.75
CA LEU C 42 29.14 19.70 26.37
C LEU C 42 29.43 20.54 27.57
N THR C 43 28.53 21.43 27.88
CA THR C 43 28.61 22.19 29.10
C THR C 43 28.45 21.19 30.24
N PRO C 44 29.19 21.32 31.34
CA PRO C 44 28.94 20.39 32.45
C PRO C 44 27.53 20.61 32.94
N GLY C 45 26.79 19.53 33.15
CA GLY C 45 25.41 19.65 33.57
C GLY C 45 24.48 18.84 32.70
N PRO C 46 23.17 18.93 32.98
CA PRO C 46 22.18 18.16 32.22
C PRO C 46 21.81 18.85 30.93
N HIS C 47 21.64 18.06 29.87
CA HIS C 47 21.25 18.57 28.57
C HIS C 47 20.14 17.70 28.02
N GLY C 48 19.16 18.30 27.39
CA GLY C 48 18.09 17.54 26.78
C GLY C 48 18.62 16.66 25.66
N PHE C 49 18.19 15.40 25.65
CA PHE C 49 18.58 14.44 24.61
C PHE C 49 17.34 13.82 24.01
N HIS C 50 17.04 14.16 22.75
CA HIS C 50 15.76 13.76 22.12
C HIS C 50 15.97 13.16 20.77
N LEU C 51 15.07 12.27 20.40
CA LEU C 51 15.03 11.75 19.06
C LEU C 51 14.05 12.61 18.28
N HIS C 52 14.53 13.36 17.29
CA HIS C 52 13.64 14.25 16.54
C HIS C 52 13.08 13.56 15.29
N GLU C 53 12.02 14.15 14.71
CA GLU C 53 11.21 13.48 13.68
C GLU C 53 11.90 13.14 12.36
N PHE C 54 12.66 14.09 11.82
CA PHE C 54 13.23 13.96 10.47
C PHE C 54 14.76 13.88 10.45
N GLY C 55 15.29 13.08 9.52
CA GLY C 55 16.73 12.98 9.34
C GLY C 55 17.20 13.98 8.30
N ASP C 56 16.70 15.20 8.46
CA ASP C 56 16.95 16.27 7.55
C ASP C 56 17.92 17.27 8.17
N THR C 57 19.04 17.54 7.51
CA THR C 57 19.98 18.51 8.04
C THR C 57 20.34 19.58 7.02
N THR C 58 19.42 19.78 6.07
CA THR C 58 19.61 20.76 5.00
C THR C 58 19.77 22.19 5.52
N ASN C 59 19.13 22.48 6.65
CA ASN C 59 19.20 23.78 7.30
C ASN C 59 19.83 23.63 8.68
N GLY C 60 20.87 22.82 8.76
CA GLY C 60 21.43 22.45 10.06
C GLY C 60 20.46 21.57 10.84
N CYS C 61 20.65 21.48 12.16
CA CYS C 61 19.82 20.62 13.01
C CYS C 61 18.36 21.04 13.13
N ILE C 62 18.09 22.29 12.78
CA ILE C 62 16.75 22.81 12.85
C ILE C 62 15.82 22.01 11.92
N SER C 63 16.40 21.42 10.88
CA SER C 63 15.60 20.72 9.87
C SER C 63 15.14 19.34 10.33
N THR C 64 15.60 18.92 11.51
CA THR C 64 15.20 17.62 12.05
C THR C 64 13.79 17.64 12.61
N GLY C 65 13.20 18.84 12.69
CA GLY C 65 11.82 18.97 13.08
C GLY C 65 11.60 18.89 14.58
N PRO C 66 10.37 18.56 14.99
CA PRO C 66 10.02 18.47 16.40
C PRO C 66 10.40 17.12 16.98
N HIS C 67 10.17 16.94 18.28
CA HIS C 67 10.45 15.66 18.90
C HIS C 67 9.55 14.62 18.20
N PHE C 68 10.09 13.44 17.92
CA PHE C 68 9.34 12.39 17.22
C PHE C 68 8.14 11.98 18.06
N ASN C 69 6.95 12.20 17.52
CA ASN C 69 5.71 12.08 18.28
C ASN C 69 4.52 11.48 17.54
N PRO C 70 4.58 10.19 17.25
CA PRO C 70 3.57 9.46 16.49
C PRO C 70 2.30 9.10 17.31
N LYS C 71 2.23 9.53 18.58
CA LYS C 71 1.02 9.34 19.37
C LYS C 71 0.32 10.68 19.58
N GLY C 72 0.81 11.72 18.90
CA GLY C 72 0.31 13.08 19.04
C GLY C 72 0.04 13.52 20.47
N LEU C 73 1.08 13.46 21.29
CA LEU C 73 0.93 13.68 22.72
C LEU C 73 1.88 14.82 23.14
N THR C 74 1.80 15.27 24.39
CA THR C 74 2.61 16.41 24.83
C THR C 74 3.91 15.96 25.46
N HIS C 75 4.81 16.91 25.67
CA HIS C 75 6.17 16.64 26.16
C HIS C 75 6.23 16.09 27.60
N GLY C 76 6.99 15.02 27.80
CA GLY C 76 7.13 14.44 29.11
C GLY C 76 8.51 13.86 29.39
N ALA C 77 8.58 12.95 30.35
CA ALA C 77 9.80 12.23 30.70
C ALA C 77 9.73 10.80 30.21
N PRO C 78 10.90 10.14 30.03
CA PRO C 78 10.91 8.74 29.57
C PRO C 78 10.06 7.88 30.51
N GLU C 79 10.02 8.27 31.78
CA GLU C 79 9.24 7.61 32.83
C GLU C 79 7.72 7.94 32.79
N ASP C 80 7.36 9.11 32.32
CA ASP C 80 5.98 9.49 32.29
C ASP C 80 5.33 8.63 31.24
N GLU C 81 4.01 8.62 31.18
CA GLU C 81 3.29 7.75 30.28
C GLU C 81 2.79 8.65 29.20
N ILE C 82 2.87 9.92 29.50
CA ILE C 82 2.41 10.96 28.60
C ILE C 82 3.61 11.76 28.04
N ARG C 83 4.28 11.19 27.05
CA ARG C 83 5.50 11.77 26.47
C ARG C 83 5.54 11.76 24.93
N HIS C 84 6.48 12.50 24.36
CA HIS C 84 6.79 12.26 22.95
C HIS C 84 7.59 10.96 22.91
N ALA C 85 7.53 10.24 21.79
CA ALA C 85 8.24 8.97 21.68
C ALA C 85 9.75 9.22 21.82
N GLY C 86 10.19 10.37 21.32
CA GLY C 86 11.59 10.73 21.34
C GLY C 86 11.98 11.44 22.62
N ASP C 87 11.15 11.34 23.65
CA ASP C 87 11.47 11.96 24.93
C ASP C 87 12.42 11.06 25.75
N LEU C 88 13.72 11.29 25.64
CA LEU C 88 14.70 10.40 26.27
C LEU C 88 15.37 11.08 27.46
N GLY C 89 14.79 12.19 27.89
CA GLY C 89 15.18 12.85 29.13
C GLY C 89 16.43 13.71 29.06
N ASN C 90 17.25 13.65 30.11
CA ASN C 90 18.48 14.44 30.16
C ASN C 90 19.71 13.54 30.20
N ILE C 91 20.80 14.07 29.67
CA ILE C 91 22.10 13.46 29.82
C ILE C 91 22.95 14.48 30.54
N VAL C 92 23.81 14.03 31.43
CA VAL C 92 24.55 14.99 32.22
C VAL C 92 26.02 14.91 31.85
N ALA C 93 26.60 16.06 31.54
CA ALA C 93 28.00 16.12 31.20
C ALA C 93 28.82 16.37 32.45
N ASN C 94 29.92 15.64 32.60
CA ASN C 94 30.76 15.83 33.77
C ASN C 94 31.52 17.17 33.67
N ALA C 95 32.48 17.37 34.57
CA ALA C 95 33.24 18.61 34.60
C ALA C 95 34.13 18.74 33.35
N ASP C 96 34.50 17.61 32.74
CA ASP C 96 35.30 17.58 31.50
C ASP C 96 34.45 17.73 30.22
N GLY C 97 33.15 17.89 30.37
CA GLY C 97 32.27 18.07 29.22
C GLY C 97 31.89 16.79 28.49
N VAL C 98 32.12 15.65 29.13
CA VAL C 98 31.81 14.36 28.54
C VAL C 98 30.54 13.81 29.17
N ALA C 99 29.63 13.34 28.32
CA ALA C 99 28.42 12.67 28.75
C ALA C 99 28.41 11.24 28.19
N GLU C 100 28.46 10.25 29.08
CA GLU C 100 28.38 8.85 28.65
C GLU C 100 27.24 8.14 29.37
N VAL C 101 26.31 7.56 28.62
CA VAL C 101 25.16 6.94 29.27
C VAL C 101 24.59 5.80 28.42
N THR C 102 23.95 4.86 29.10
CA THR C 102 23.25 3.79 28.42
C THR C 102 21.79 3.95 28.79
N ILE C 103 20.94 3.90 27.80
CA ILE C 103 19.56 4.19 28.07
C ILE C 103 18.70 3.18 27.31
N VAL C 104 17.65 2.70 27.97
CA VAL C 104 16.74 1.76 27.35
C VAL C 104 15.30 2.31 27.32
N ASP C 105 14.68 2.26 26.14
CA ASP C 105 13.35 2.80 25.94
C ASP C 105 12.58 1.85 25.05
N ASN C 106 11.25 1.95 25.07
CA ASN C 106 10.44 1.04 24.29
C ASN C 106 9.67 1.73 23.17
N GLN C 107 9.79 3.06 23.07
CA GLN C 107 9.08 3.83 22.02
C GLN C 107 9.95 4.20 20.84
N ILE C 108 11.13 3.58 20.70
CA ILE C 108 12.01 3.91 19.58
C ILE C 108 12.56 2.67 18.86
N PRO C 109 11.66 1.89 18.24
CA PRO C 109 12.10 0.66 17.58
C PRO C 109 12.88 0.96 16.33
N LEU C 110 13.72 0.02 15.91
CA LEU C 110 14.51 0.16 14.69
C LEU C 110 13.79 -0.41 13.50
N THR C 111 12.66 -1.05 13.75
CA THR C 111 11.81 -1.53 12.67
C THR C 111 10.37 -1.21 13.02
N GLY C 112 9.48 -1.46 12.07
CA GLY C 112 8.06 -1.31 12.29
C GLY C 112 7.50 0.00 11.79
N PRO C 113 6.20 0.21 12.04
CA PRO C 113 5.48 1.38 11.52
C PRO C 113 6.12 2.62 12.07
N ASN C 114 6.79 2.42 13.19
CA ASN C 114 7.47 3.51 13.86
C ASN C 114 8.97 3.41 13.97
N ALA C 115 9.61 2.82 12.97
CA ALA C 115 11.07 2.74 12.97
C ALA C 115 11.63 4.16 13.09
N VAL C 116 12.72 4.33 13.83
CA VAL C 116 13.34 5.64 14.00
C VAL C 116 14.51 5.78 13.07
N VAL C 117 14.70 4.77 12.25
CA VAL C 117 15.72 4.78 11.21
C VAL C 117 15.41 5.92 10.26
N GLY C 118 16.44 6.71 9.95
CA GLY C 118 16.30 7.82 9.04
C GLY C 118 15.77 9.05 9.72
N ARG C 119 15.62 8.94 11.03
CA ARG C 119 15.26 10.11 11.80
C ARG C 119 16.56 10.58 12.47
N ALA C 120 16.44 11.44 13.47
CA ALA C 120 17.62 12.02 14.07
C ALA C 120 17.54 12.12 15.57
N PHE C 121 18.72 12.38 16.15
CA PHE C 121 18.93 12.68 17.56
C PHE C 121 19.39 14.14 17.66
N VAL C 122 18.98 14.84 18.71
CA VAL C 122 19.52 16.19 18.91
C VAL C 122 19.81 16.32 20.39
N VAL C 123 21.01 16.80 20.70
CA VAL C 123 21.38 17.10 22.06
C VAL C 123 21.25 18.61 22.23
N HIS C 124 20.70 19.06 23.33
CA HIS C 124 20.26 20.44 23.41
C HIS C 124 21.09 21.32 24.34
N GLU C 125 20.91 22.62 24.13
CA GLU C 125 21.60 23.70 24.85
C GLU C 125 21.42 23.64 26.35
N LEU C 126 20.17 23.41 26.76
CA LEU C 126 19.80 23.53 28.15
C LEU C 126 19.19 22.25 28.70
N GLU C 127 18.96 22.26 30.01
CA GLU C 127 18.30 21.16 30.67
C GLU C 127 16.87 21.03 30.19
N ASP C 128 16.44 19.80 30.01
CA ASP C 128 15.08 19.49 29.69
C ASP C 128 14.33 19.49 31.00
N ASP C 129 13.52 20.51 31.28
CA ASP C 129 12.52 20.38 32.34
C ASP C 129 11.60 19.42 31.70
N LEU C 130 11.51 18.25 32.29
CA LEU C 130 10.74 17.28 31.65
C LEU C 130 9.44 17.49 30.98
N GLY C 131 8.69 18.48 31.40
CA GLY C 131 7.31 18.60 31.04
C GLY C 131 7.25 18.50 32.51
N LYS C 132 6.35 19.25 33.12
CA LYS C 132 6.41 19.64 34.51
C LYS C 132 7.14 20.43 35.59
N GLY C 133 8.04 21.32 35.16
CA GLY C 133 8.70 22.60 35.28
C GLY C 133 7.88 23.83 35.05
N GLY C 134 6.71 23.66 34.42
CA GLY C 134 5.92 24.80 33.94
C GLY C 134 6.05 26.07 33.13
N HIS C 135 6.78 26.00 32.03
CA HIS C 135 7.07 27.17 31.18
C HIS C 135 6.38 27.26 29.86
N GLU C 136 6.59 28.35 29.11
CA GLU C 136 5.91 28.52 27.83
C GLU C 136 6.03 27.31 26.92
N LEU C 137 7.28 26.85 26.78
CA LEU C 137 7.60 25.79 25.85
C LEU C 137 7.63 24.38 26.47
N SER C 138 7.43 24.28 27.78
CA SER C 138 7.59 23.00 28.48
C SER C 138 6.81 21.83 27.91
N LEU C 139 5.63 22.07 27.36
CA LEU C 139 4.84 20.92 26.92
C LEU C 139 5.04 20.61 25.44
N SER C 140 5.93 21.36 24.81
CA SER C 140 6.32 21.06 23.43
C SER C 140 7.78 20.59 23.36
N THR C 141 8.68 21.31 24.03
CA THR C 141 10.11 21.05 23.91
C THR C 141 10.72 20.59 25.22
N GLY C 142 10.37 21.25 26.31
CA GLY C 142 10.98 21.04 27.61
C GLY C 142 11.93 22.19 27.87
N ASN C 143 11.74 23.24 27.09
CA ASN C 143 12.68 24.36 26.97
C ASN C 143 14.12 23.88 27.00
N ALA C 144 14.36 22.83 26.21
CA ALA C 144 15.67 22.19 26.10
C ALA C 144 16.67 23.15 25.46
N GLY C 145 16.16 24.23 24.89
CA GLY C 145 16.99 25.28 24.33
C GLY C 145 17.37 24.94 22.92
N GLY C 146 18.48 25.51 22.47
CA GLY C 146 18.92 25.33 21.10
C GLY C 146 19.43 23.94 20.80
N ARG C 147 19.74 23.71 19.52
CA ARG C 147 20.19 22.42 19.06
C ARG C 147 21.71 22.38 18.87
N LEU C 148 22.39 21.79 19.84
CA LEU C 148 23.84 21.82 19.89
C LEU C 148 24.53 20.93 18.86
N ALA C 149 23.97 19.74 18.67
CA ALA C 149 24.49 18.80 17.69
C ALA C 149 23.41 17.78 17.35
N CYS C 150 23.42 17.26 16.13
CA CYS C 150 22.46 16.25 15.71
C CYS C 150 23.11 15.28 14.76
N GLY C 151 22.43 14.16 14.50
CA GLY C 151 22.90 13.21 13.51
C GLY C 151 21.77 12.34 13.02
N VAL C 152 21.83 11.94 11.77
CA VAL C 152 20.76 11.13 11.23
C VAL C 152 21.02 9.71 11.64
N ILE C 153 19.96 9.04 12.08
CA ILE C 153 20.08 7.65 12.51
C ILE C 153 20.18 6.77 11.29
N GLY C 154 21.34 6.14 11.09
CA GLY C 154 21.59 5.33 9.91
C GLY C 154 21.92 3.88 10.22
N LEU C 155 21.73 3.01 9.23
CA LEU C 155 21.99 1.59 9.40
C LEU C 155 23.46 1.29 9.43
N THR C 156 23.80 0.27 10.21
CA THR C 156 25.17 -0.17 10.41
C THR C 156 25.23 -1.70 10.61
N PRO C 157 26.34 -2.35 10.22
CA PRO C 157 26.54 -3.82 10.20
C PRO C 157 26.17 -4.60 11.47
N THR C 158 26.04 -5.92 11.29
CA THR C 158 25.72 -6.93 12.33
C THR C 158 24.21 -6.94 12.62
N MET D 1 -2.42 9.14 -14.17
CA MET D 1 -3.19 7.93 -14.01
C MET D 1 -3.49 7.53 -12.59
N ILE D 2 -2.54 7.05 -11.83
CA ILE D 2 -2.89 6.38 -10.59
C ILE D 2 -2.69 7.37 -9.45
N LEU D 3 -3.48 7.30 -8.39
CA LEU D 3 -3.32 8.19 -7.24
C LEU D 3 -2.01 7.96 -6.50
N ALA D 4 -1.30 8.96 -5.99
CA ALA D 4 -0.03 8.48 -5.48
C ALA D 4 0.40 9.03 -4.18
N ALA D 5 0.54 8.21 -3.17
CA ALA D 5 1.13 8.77 -1.95
C ALA D 5 2.60 9.15 -2.19
N LYS D 6 2.95 10.37 -1.80
CA LYS D 6 4.30 10.87 -2.00
C LYS D 6 5.19 10.50 -0.81
N LYS D 7 6.32 9.82 -1.07
CA LYS D 7 7.28 9.48 -0.02
C LYS D 7 8.60 10.21 -0.27
N LYS D 8 9.23 10.72 0.78
CA LYS D 8 10.40 11.55 0.56
C LYS D 8 11.58 11.39 1.54
N ALA D 9 12.79 11.49 1.01
CA ALA D 9 14.00 11.43 1.81
C ALA D 9 15.05 12.45 1.33
N VAL D 10 16.08 12.69 2.14
CA VAL D 10 17.15 13.62 1.78
C VAL D 10 18.51 13.22 2.38
N ALA D 11 19.59 13.45 1.63
CA ALA D 11 20.93 13.30 2.17
C ALA D 11 21.76 14.57 1.98
N VAL D 12 22.29 15.08 3.08
CA VAL D 12 23.22 16.21 3.06
C VAL D 12 24.65 15.68 3.03
N LEU D 13 25.36 16.02 1.96
CA LEU D 13 26.64 15.45 1.67
C LEU D 13 27.74 16.35 2.19
N LYS D 14 28.55 15.85 3.12
CA LYS D 14 29.61 16.66 3.68
C LYS D 14 30.87 15.81 3.74
N GLY D 15 32.04 16.44 3.82
CA GLY D 15 33.30 15.71 3.87
C GLY D 15 34.45 16.62 4.27
N ASN D 16 35.69 16.17 4.06
CA ASN D 16 36.84 16.93 4.51
C ASN D 16 37.23 18.12 3.66
N SER D 17 36.59 18.22 2.51
CA SER D 17 36.99 19.18 1.51
C SER D 17 35.94 20.26 1.30
N ALA D 18 36.09 20.99 0.21
CA ALA D 18 35.10 21.97 -0.19
C ALA D 18 33.90 21.26 -0.77
N VAL D 19 34.05 19.97 -1.07
CA VAL D 19 32.93 19.23 -1.64
C VAL D 19 31.81 19.01 -0.62
N GLU D 20 30.66 19.60 -0.90
CA GLU D 20 29.44 19.42 -0.12
C GLU D 20 28.25 19.56 -1.07
N GLY D 21 27.08 19.08 -0.68
CA GLY D 21 25.91 19.16 -1.54
C GLY D 21 24.62 18.63 -0.93
N VAL D 22 23.53 18.69 -1.67
CA VAL D 22 22.24 18.21 -1.18
C VAL D 22 21.60 17.25 -2.18
N VAL D 23 21.07 16.14 -1.69
CA VAL D 23 20.44 15.16 -2.54
C VAL D 23 19.05 14.86 -2.04
N THR D 24 18.05 15.04 -2.88
CA THR D 24 16.68 14.75 -2.46
C THR D 24 16.09 13.57 -3.23
N LEU D 25 15.24 12.80 -2.54
CA LEU D 25 14.68 11.61 -3.16
C LEU D 25 13.18 11.66 -3.05
N THR D 26 12.53 11.36 -4.16
CA THR D 26 11.09 11.34 -4.23
C THR D 26 10.68 10.02 -4.82
N GLN D 27 9.69 9.38 -4.22
CA GLN D 27 9.13 8.14 -4.76
C GLN D 27 7.66 8.10 -4.46
N GLU D 28 6.84 7.93 -5.48
CA GLU D 28 5.42 7.78 -5.18
C GLU D 28 5.06 6.30 -5.15
N GLU D 29 4.28 5.95 -4.14
CA GLU D 29 3.76 4.61 -3.98
C GLU D 29 4.96 3.67 -3.91
N ASP D 30 4.95 2.62 -4.72
CA ASP D 30 6.13 1.78 -4.86
C ASP D 30 6.73 1.77 -6.29
N GLY D 31 6.80 2.93 -6.92
CA GLY D 31 7.37 3.07 -8.24
C GLY D 31 8.83 3.48 -8.16
N PRO D 32 9.36 4.03 -9.25
CA PRO D 32 10.75 4.49 -9.19
C PRO D 32 10.96 5.69 -8.31
N THR D 33 12.23 5.89 -7.99
CA THR D 33 12.67 6.98 -7.14
C THR D 33 13.31 8.11 -7.92
N THR D 34 12.85 9.32 -7.69
CA THR D 34 13.46 10.44 -8.37
C THR D 34 14.52 11.07 -7.47
N VAL D 35 15.72 11.20 -8.02
CA VAL D 35 16.86 11.69 -7.27
C VAL D 35 17.40 13.00 -7.84
N ASN D 36 17.32 14.05 -7.04
CA ASN D 36 17.84 15.34 -7.44
C ASN D 36 19.15 15.70 -6.75
N VAL D 37 20.17 15.94 -7.55
CA VAL D 37 21.48 16.11 -6.99
C VAL D 37 22.01 17.52 -7.24
N ARG D 38 22.42 18.20 -6.18
CA ARG D 38 23.22 19.40 -6.35
C ARG D 38 24.42 19.40 -5.42
N ILE D 39 25.61 19.24 -6.00
CA ILE D 39 26.86 19.19 -5.27
C ILE D 39 27.82 20.27 -5.78
N THR D 40 28.61 20.87 -4.88
CA THR D 40 29.56 21.91 -5.27
C THR D 40 30.95 21.60 -4.83
N GLY D 41 31.90 22.44 -5.24
CA GLY D 41 33.27 22.28 -4.80
C GLY D 41 34.02 21.16 -5.51
N LEU D 42 33.40 20.51 -6.47
CA LEU D 42 34.04 19.44 -7.20
C LEU D 42 35.03 19.84 -8.28
N THR D 43 35.96 18.96 -8.53
CA THR D 43 36.88 19.03 -9.64
C THR D 43 36.03 18.92 -10.88
N PRO D 44 36.26 19.87 -11.87
CA PRO D 44 35.38 19.74 -13.02
C PRO D 44 35.51 18.41 -13.71
N GLY D 45 34.43 17.83 -14.16
CA GLY D 45 34.52 16.56 -14.84
C GLY D 45 33.62 15.55 -14.18
N PRO D 46 33.65 14.31 -14.68
CA PRO D 46 32.73 13.30 -14.16
C PRO D 46 33.16 12.78 -12.81
N HIS D 47 32.19 12.49 -11.93
CA HIS D 47 32.47 11.92 -10.61
C HIS D 47 31.55 10.77 -10.25
N GLY D 48 32.11 9.75 -9.63
CA GLY D 48 31.33 8.60 -9.21
C GLY D 48 30.29 9.01 -8.19
N PHE D 49 29.05 8.61 -8.43
CA PHE D 49 27.93 8.91 -7.55
C PHE D 49 27.19 7.61 -7.22
N HIS D 50 27.27 7.17 -5.97
CA HIS D 50 26.76 5.85 -5.61
C HIS D 50 25.96 5.92 -4.35
N LEU D 51 25.03 4.99 -4.21
CA LEU D 51 24.34 4.84 -2.95
C LEU D 51 25.06 3.70 -2.20
N HIS D 52 25.76 4.04 -1.13
CA HIS D 52 26.52 3.02 -0.40
C HIS D 52 25.65 2.41 0.70
N GLU D 53 26.08 1.25 1.21
CA GLU D 53 25.22 0.42 2.06
C GLU D 53 24.83 1.02 3.42
N PHE D 54 25.77 1.62 4.13
CA PHE D 54 25.46 1.99 5.52
C PHE D 54 25.46 3.49 5.72
N GLY D 55 24.58 3.97 6.61
CA GLY D 55 24.52 5.37 6.97
C GLY D 55 25.39 5.56 8.20
N ASP D 56 26.57 4.98 8.11
CA ASP D 56 27.57 4.97 9.17
C ASP D 56 28.73 5.86 8.79
N THR D 57 28.90 6.96 9.50
CA THR D 57 29.98 7.91 9.23
C THR D 57 30.87 8.07 10.46
N THR D 58 30.85 7.06 11.34
CA THR D 58 31.67 7.07 12.56
C THR D 58 33.15 7.14 12.23
N ASN D 59 33.51 6.61 11.07
CA ASN D 59 34.86 6.62 10.56
C ASN D 59 34.98 7.41 9.25
N GLY D 60 34.38 8.58 9.19
CA GLY D 60 34.29 9.28 7.91
C GLY D 60 33.42 8.48 6.95
N CYS D 61 33.50 8.79 5.66
CA CYS D 61 32.64 8.15 4.64
C CYS D 61 32.95 6.70 4.39
N ILE D 62 34.13 6.27 4.77
CA ILE D 62 34.57 4.90 4.54
C ILE D 62 33.66 3.90 5.26
N SER D 63 33.02 4.31 6.35
CA SER D 63 32.15 3.42 7.12
C SER D 63 30.76 3.24 6.51
N THR D 64 30.50 3.92 5.40
CA THR D 64 29.24 3.72 4.68
C THR D 64 29.31 2.40 3.89
N GLY D 65 30.50 1.81 3.86
CA GLY D 65 30.67 0.49 3.28
C GLY D 65 30.70 0.49 1.76
N PRO D 66 30.38 -0.67 1.17
CA PRO D 66 30.37 -0.84 -0.29
C PRO D 66 29.06 -0.33 -0.91
N HIS D 67 28.96 -0.41 -2.23
CA HIS D 67 27.76 -0.03 -2.93
C HIS D 67 26.59 -0.88 -2.48
N PHE D 68 25.42 -0.28 -2.35
CA PHE D 68 24.23 -1.00 -1.89
C PHE D 68 23.98 -2.08 -2.92
N ASN D 69 24.04 -3.34 -2.50
CA ASN D 69 24.00 -4.42 -3.46
C ASN D 69 23.21 -5.61 -2.97
N PRO D 70 21.89 -5.47 -2.86
CA PRO D 70 21.07 -6.53 -2.28
C PRO D 70 20.82 -7.74 -3.21
N LYS D 71 21.33 -7.70 -4.45
CA LYS D 71 21.15 -8.78 -5.41
C LYS D 71 22.38 -9.64 -5.39
N GLY D 72 23.50 -8.98 -5.15
CA GLY D 72 24.79 -9.63 -5.10
C GLY D 72 25.50 -9.61 -6.42
N LEU D 73 25.22 -8.61 -7.25
CA LEU D 73 25.79 -8.61 -8.57
C LEU D 73 27.02 -7.74 -8.53
N THR D 74 27.71 -7.65 -9.65
CA THR D 74 28.95 -6.92 -9.70
C THR D 74 28.64 -5.51 -10.16
N HIS D 75 29.63 -4.62 -10.05
CA HIS D 75 29.47 -3.21 -10.37
C HIS D 75 29.23 -3.05 -11.87
N GLY D 76 28.23 -2.26 -12.21
CA GLY D 76 27.92 -1.95 -13.59
C GLY D 76 27.41 -0.53 -13.71
N ALA D 77 26.76 -0.24 -14.83
CA ALA D 77 26.25 1.10 -15.08
C ALA D 77 24.75 1.12 -14.79
N PRO D 78 24.17 2.31 -14.52
CA PRO D 78 22.73 2.34 -14.21
C PRO D 78 21.90 1.65 -15.31
N GLU D 79 22.43 1.69 -16.53
CA GLU D 79 21.78 1.17 -17.75
C GLU D 79 21.78 -0.36 -17.75
N ASP D 80 22.84 -0.90 -17.17
CA ASP D 80 23.18 -2.32 -17.19
C ASP D 80 22.29 -3.12 -16.22
N GLU D 81 21.89 -4.32 -16.62
CA GLU D 81 21.23 -5.25 -15.71
C GLU D 81 22.29 -5.94 -14.79
N ILE D 82 23.57 -5.64 -15.03
CA ILE D 82 24.67 -6.06 -14.18
C ILE D 82 24.93 -4.90 -13.19
N ARG D 83 24.10 -4.81 -12.17
CA ARG D 83 24.21 -3.67 -11.28
C ARG D 83 24.22 -3.94 -9.79
N HIS D 84 24.84 -3.01 -9.06
CA HIS D 84 24.51 -2.84 -7.66
C HIS D 84 23.24 -1.99 -7.70
N ALA D 85 22.44 -2.05 -6.65
CA ALA D 85 21.26 -1.20 -6.61
C ALA D 85 21.71 0.25 -6.61
N GLY D 86 22.82 0.51 -5.92
CA GLY D 86 23.31 1.87 -5.77
C GLY D 86 24.21 2.33 -6.90
N ASP D 87 24.20 1.61 -8.02
CA ASP D 87 25.01 2.01 -9.16
C ASP D 87 24.29 3.08 -9.98
N LEU D 88 24.58 4.33 -9.66
CA LEU D 88 23.88 5.46 -10.25
C LEU D 88 24.74 6.25 -11.23
N GLY D 89 25.88 5.67 -11.59
CA GLY D 89 26.69 6.24 -12.65
C GLY D 89 27.49 7.46 -12.26
N ASN D 90 27.60 8.43 -13.16
CA ASN D 90 28.43 9.59 -12.95
C ASN D 90 27.62 10.88 -12.91
N ILE D 91 28.13 11.87 -12.18
CA ILE D 91 27.56 13.20 -12.23
C ILE D 91 28.72 14.08 -12.72
N VAL D 92 28.43 15.04 -13.58
CA VAL D 92 29.50 15.77 -14.20
C VAL D 92 29.47 17.16 -13.68
N ALA D 93 30.59 17.59 -13.12
CA ALA D 93 30.70 18.93 -12.55
C ALA D 93 31.21 19.90 -13.59
N ASN D 94 30.58 21.06 -13.66
CA ASN D 94 31.01 22.05 -14.63
C ASN D 94 32.30 22.71 -14.19
N ALA D 95 32.68 23.76 -14.91
CA ALA D 95 33.91 24.48 -14.66
C ALA D 95 33.92 25.21 -13.33
N ASP D 96 32.73 25.57 -12.84
CA ASP D 96 32.59 26.24 -11.55
C ASP D 96 32.58 25.25 -10.40
N GLY D 97 32.77 23.98 -10.75
CA GLY D 97 32.81 22.90 -9.79
C GLY D 97 31.43 22.41 -9.34
N VAL D 98 30.38 22.80 -10.07
CA VAL D 98 29.02 22.41 -9.70
C VAL D 98 28.50 21.27 -10.54
N ALA D 99 27.94 20.26 -9.88
CA ALA D 99 27.31 19.15 -10.58
C ALA D 99 25.85 19.10 -10.23
N GLU D 100 25.01 19.38 -11.21
CA GLU D 100 23.57 19.32 -11.02
C GLU D 100 22.89 18.41 -12.01
N VAL D 101 22.22 17.37 -11.52
CA VAL D 101 21.67 16.34 -12.38
C VAL D 101 20.44 15.75 -11.73
N THR D 102 19.54 15.23 -12.57
CA THR D 102 18.35 14.57 -12.06
C THR D 102 18.31 13.15 -12.53
N ILE D 103 18.00 12.24 -11.63
CA ILE D 103 18.10 10.83 -11.95
C ILE D 103 16.87 10.09 -11.51
N VAL D 104 16.44 9.15 -12.35
CA VAL D 104 15.32 8.26 -12.03
C VAL D 104 15.87 6.82 -12.03
N ASP D 105 15.58 6.08 -10.97
CA ASP D 105 16.07 4.72 -10.89
C ASP D 105 15.03 3.86 -10.21
N ASN D 106 15.15 2.56 -10.42
CA ASN D 106 14.19 1.63 -9.84
C ASN D 106 14.76 0.68 -8.81
N GLN D 107 16.04 0.82 -8.49
CA GLN D 107 16.61 -0.07 -7.50
C GLN D 107 16.81 0.60 -6.15
N ILE D 108 16.23 1.78 -5.96
CA ILE D 108 16.48 2.51 -4.72
C ILE D 108 15.20 2.98 -4.01
N PRO D 109 14.39 2.02 -3.57
CA PRO D 109 13.11 2.42 -2.96
C PRO D 109 13.33 3.00 -1.56
N LEU D 110 12.38 3.84 -1.15
CA LEU D 110 12.42 4.47 0.15
C LEU D 110 11.68 3.62 1.18
N THR D 111 10.97 2.61 0.69
CA THR D 111 10.24 1.70 1.54
C THR D 111 10.44 0.29 1.06
N GLY D 112 10.00 -0.66 1.88
CA GLY D 112 10.09 -2.05 1.49
C GLY D 112 11.33 -2.69 2.05
N PRO D 113 11.58 -3.94 1.63
CA PRO D 113 12.73 -4.74 2.07
C PRO D 113 14.06 -4.14 1.62
N ASN D 114 14.04 -3.39 0.54
CA ASN D 114 15.27 -2.82 0.01
C ASN D 114 15.32 -1.32 0.19
N ALA D 115 14.72 -0.83 1.28
CA ALA D 115 14.68 0.59 1.55
C ALA D 115 16.08 1.15 1.60
N VAL D 116 16.27 2.35 1.07
CA VAL D 116 17.56 3.00 1.15
C VAL D 116 17.57 4.07 2.23
N VAL D 117 16.47 4.20 2.95
CA VAL D 117 16.41 5.13 4.06
C VAL D 117 17.40 4.65 5.09
N GLY D 118 18.24 5.53 5.60
CA GLY D 118 19.21 5.17 6.61
C GLY D 118 20.46 4.55 6.01
N ARG D 119 20.55 4.58 4.69
CA ARG D 119 21.77 4.20 3.96
C ARG D 119 22.46 5.50 3.51
N ALA D 120 23.38 5.48 2.55
CA ALA D 120 24.09 6.73 2.27
C ALA D 120 24.33 7.04 0.81
N PHE D 121 24.62 8.31 0.55
CA PHE D 121 25.09 8.72 -0.76
C PHE D 121 26.55 9.12 -0.58
N VAL D 122 27.36 8.78 -1.59
CA VAL D 122 28.78 9.13 -1.62
C VAL D 122 29.10 9.69 -3.00
N VAL D 123 29.76 10.84 -3.06
CA VAL D 123 30.27 11.36 -4.32
C VAL D 123 31.75 11.12 -4.30
N HIS D 124 32.30 10.67 -5.42
CA HIS D 124 33.65 10.13 -5.40
C HIS D 124 34.63 11.00 -6.15
N GLU D 125 35.89 10.78 -5.83
CA GLU D 125 37.02 11.50 -6.38
C GLU D 125 37.09 11.43 -7.89
N LEU D 126 36.87 10.24 -8.43
CA LEU D 126 37.15 9.98 -9.84
C LEU D 126 35.95 9.52 -10.63
N GLU D 127 36.17 9.38 -11.94
CA GLU D 127 35.19 8.87 -12.87
C GLU D 127 34.81 7.43 -12.59
N ASP D 128 33.52 7.12 -12.66
CA ASP D 128 33.10 5.73 -12.58
C ASP D 128 33.31 5.14 -13.98
N ASP D 129 34.18 4.13 -14.07
CA ASP D 129 34.46 3.49 -15.35
C ASP D 129 33.42 2.43 -15.68
N LEU D 130 32.40 2.35 -14.83
CA LEU D 130 31.25 1.47 -15.02
C LEU D 130 31.74 0.02 -14.90
N GLY D 131 31.03 -0.94 -15.47
CA GLY D 131 31.55 -2.29 -15.37
C GLY D 131 32.53 -2.56 -16.51
N LYS D 132 33.11 -1.50 -17.05
CA LYS D 132 33.98 -1.64 -18.17
C LYS D 132 35.28 -1.04 -17.80
N GLY D 133 36.05 -0.58 -18.77
CA GLY D 133 37.32 0.06 -18.47
C GLY D 133 38.47 -0.84 -18.02
N GLY D 134 38.20 -2.12 -17.80
CA GLY D 134 39.24 -3.04 -17.45
C GLY D 134 40.29 -2.86 -16.38
N HIS D 135 39.88 -2.38 -15.22
CA HIS D 135 40.76 -2.35 -14.06
C HIS D 135 40.44 -3.38 -12.99
N GLU D 136 41.44 -3.77 -12.21
CA GLU D 136 41.23 -4.77 -11.16
C GLU D 136 39.98 -4.42 -10.36
N LEU D 137 39.77 -3.12 -10.12
CA LEU D 137 38.67 -2.64 -9.30
C LEU D 137 37.37 -2.41 -10.06
N SER D 138 37.39 -2.50 -11.39
CA SER D 138 36.21 -2.17 -12.21
C SER D 138 34.91 -2.90 -11.84
N LEU D 139 35.01 -4.12 -11.33
CA LEU D 139 33.82 -4.91 -11.04
C LEU D 139 33.35 -4.84 -9.58
N SER D 140 34.03 -4.02 -8.80
CA SER D 140 33.63 -3.72 -7.45
C SER D 140 33.22 -2.27 -7.30
N THR D 141 34.08 -1.40 -7.77
CA THR D 141 34.13 -0.02 -7.39
C THR D 141 33.96 0.84 -8.60
N GLY D 142 34.66 0.50 -9.65
CA GLY D 142 34.59 1.23 -10.89
C GLY D 142 35.74 2.18 -10.93
N ASN D 143 36.73 1.83 -10.14
CA ASN D 143 37.90 2.64 -9.99
C ASN D 143 37.52 4.07 -9.91
N ALA D 144 36.83 4.40 -8.85
CA ALA D 144 36.10 5.65 -8.76
C ALA D 144 36.70 6.60 -7.74
N GLY D 145 37.81 6.16 -7.19
CA GLY D 145 38.68 6.91 -6.33
C GLY D 145 38.14 6.99 -4.92
N GLY D 146 38.63 7.97 -4.19
CA GLY D 146 38.27 8.17 -2.80
C GLY D 146 36.88 8.75 -2.62
N ARG D 147 36.48 8.86 -1.36
CA ARG D 147 35.17 9.36 -0.99
C ARG D 147 35.29 10.81 -0.59
N LEU D 148 34.84 11.71 -1.47
CA LEU D 148 34.97 13.17 -1.29
C LEU D 148 33.99 13.75 -0.24
N ALA D 149 32.75 13.25 -0.28
CA ALA D 149 31.69 13.67 0.62
C ALA D 149 30.61 12.60 0.65
N CYS D 150 29.91 12.49 1.77
CA CYS D 150 28.84 11.51 1.90
C CYS D 150 27.75 12.01 2.83
N GLY D 151 26.62 11.32 2.81
CA GLY D 151 25.55 11.65 3.73
C GLY D 151 24.57 10.52 3.94
N VAL D 152 23.95 10.51 5.12
CA VAL D 152 22.98 9.49 5.46
C VAL D 152 21.64 9.88 4.87
N ILE D 153 20.93 8.92 4.27
CA ILE D 153 19.65 9.23 3.67
C ILE D 153 18.60 9.24 4.77
N GLY D 154 18.00 10.39 5.02
CA GLY D 154 17.06 10.55 6.13
C GLY D 154 15.68 11.00 5.70
N LEU D 155 14.69 10.79 6.58
CA LEU D 155 13.32 11.19 6.29
C LEU D 155 13.21 12.70 6.35
N THR D 156 12.32 13.25 5.52
CA THR D 156 12.04 14.68 5.44
C THR D 156 10.56 14.83 5.05
N PRO D 157 9.90 15.89 5.55
CA PRO D 157 8.44 16.11 5.47
C PRO D 157 7.78 15.97 4.11
N THR D 158 6.45 15.86 4.16
CA THR D 158 5.49 15.75 3.05
C THR D 158 5.48 14.32 2.55
N LYS E 6 -9.12 19.99 -2.82
CA LYS E 6 -9.38 20.13 -4.26
C LYS E 6 -8.96 21.51 -4.75
N LYS E 7 -7.92 21.56 -5.58
CA LYS E 7 -7.45 22.81 -6.15
C LYS E 7 -7.78 22.81 -7.63
N LYS E 8 -7.98 23.99 -8.21
CA LYS E 8 -8.44 24.10 -9.60
C LYS E 8 -7.65 25.14 -10.37
N ALA E 9 -7.38 24.87 -11.64
CA ALA E 9 -6.66 25.83 -12.46
C ALA E 9 -7.29 25.92 -13.85
N VAL E 10 -6.87 26.89 -14.65
CA VAL E 10 -7.44 27.07 -15.99
C VAL E 10 -6.44 27.66 -16.97
N ALA E 11 -6.56 27.28 -18.24
CA ALA E 11 -5.82 27.98 -19.27
C ALA E 11 -6.82 28.46 -20.36
N VAL E 12 -6.77 29.74 -20.66
CA VAL E 12 -7.51 30.23 -21.82
C VAL E 12 -6.53 30.22 -22.97
N LEU E 13 -6.85 29.45 -23.99
CA LEU E 13 -5.93 29.23 -25.11
C LEU E 13 -6.23 30.11 -26.31
N LYS E 14 -5.26 30.93 -26.68
CA LYS E 14 -5.38 31.85 -27.83
C LYS E 14 -4.15 31.77 -28.70
N GLY E 15 -4.25 32.27 -29.93
CA GLY E 15 -3.15 32.17 -30.84
C GLY E 15 -3.12 33.03 -32.08
N ASN E 16 -2.34 32.54 -33.03
CA ASN E 16 -2.05 33.19 -34.30
C ASN E 16 -3.18 33.09 -35.33
N SER E 17 -4.05 32.13 -35.10
CA SER E 17 -5.11 31.80 -36.03
C SER E 17 -6.45 31.88 -35.35
N ALA E 18 -7.46 31.32 -36.01
CA ALA E 18 -8.81 31.26 -35.45
C ALA E 18 -8.86 30.24 -34.32
N VAL E 19 -7.82 29.43 -34.20
CA VAL E 19 -7.77 28.39 -33.18
C VAL E 19 -7.77 29.01 -31.79
N GLU E 20 -8.78 28.64 -31.02
CA GLU E 20 -8.85 29.04 -29.63
C GLU E 20 -9.59 27.99 -28.80
N GLY E 21 -9.40 28.03 -27.48
CA GLY E 21 -10.06 27.07 -26.64
C GLY E 21 -9.87 27.35 -25.17
N VAL E 22 -10.48 26.51 -24.34
CA VAL E 22 -10.39 26.66 -22.89
C VAL E 22 -10.07 25.34 -22.20
N VAL E 23 -9.15 25.38 -21.25
CA VAL E 23 -8.77 24.21 -20.50
C VAL E 23 -8.83 24.44 -19.00
N THR E 24 -9.54 23.54 -18.32
CA THR E 24 -9.69 23.57 -16.88
C THR E 24 -8.96 22.39 -16.24
N LEU E 25 -8.45 22.60 -15.02
CA LEU E 25 -7.72 21.54 -14.34
C LEU E 25 -8.30 21.34 -12.91
N THR E 26 -8.39 20.07 -12.52
CA THR E 26 -8.84 19.69 -11.18
C THR E 26 -7.88 18.70 -10.53
N GLN E 27 -7.52 18.95 -9.29
CA GLN E 27 -6.74 17.96 -8.57
C GLN E 27 -7.05 17.97 -7.08
N GLU E 28 -7.41 16.81 -6.58
CA GLU E 28 -7.67 16.57 -5.18
C GLU E 28 -6.38 16.01 -4.59
N GLU E 29 -6.19 16.16 -3.29
CA GLU E 29 -5.24 15.32 -2.55
C GLU E 29 -3.80 15.37 -3.15
N ASP E 30 -3.16 14.21 -3.28
CA ASP E 30 -1.93 13.93 -3.99
C ASP E 30 -2.45 12.99 -5.08
N GLY E 31 -3.58 13.35 -5.70
CA GLY E 31 -4.09 12.51 -6.76
C GLY E 31 -3.68 12.98 -8.14
N PRO E 32 -4.32 12.42 -9.16
CA PRO E 32 -4.11 12.75 -10.58
C PRO E 32 -4.74 14.08 -10.91
N THR E 33 -4.39 14.64 -12.05
CA THR E 33 -5.01 15.88 -12.48
C THR E 33 -6.01 15.61 -13.61
N THR E 34 -7.22 16.11 -13.45
CA THR E 34 -8.22 15.96 -14.49
C THR E 34 -8.23 17.22 -15.34
N VAL E 35 -8.02 17.04 -16.63
CA VAL E 35 -7.87 18.15 -17.54
C VAL E 35 -8.97 18.14 -18.57
N ASN E 36 -9.80 19.17 -18.57
CA ASN E 36 -10.86 19.23 -19.56
C ASN E 36 -10.53 20.20 -20.70
N VAL E 37 -10.50 19.66 -21.91
CA VAL E 37 -9.98 20.40 -23.06
C VAL E 37 -11.06 20.64 -24.08
N ARG E 38 -11.32 21.90 -24.39
CA ARG E 38 -12.20 22.22 -25.52
C ARG E 38 -11.62 23.30 -26.39
N ILE E 39 -11.20 22.89 -27.58
CA ILE E 39 -10.58 23.78 -28.55
C ILE E 39 -11.32 23.75 -29.90
N THR E 40 -11.39 24.91 -30.54
CA THR E 40 -12.08 25.04 -31.81
C THR E 40 -11.12 25.57 -32.85
N GLY E 41 -11.57 25.57 -34.10
CA GLY E 41 -10.81 26.10 -35.23
C GLY E 41 -9.75 25.15 -35.77
N LEU E 42 -9.71 23.95 -35.22
CA LEU E 42 -8.68 23.00 -35.63
C LEU E 42 -9.05 22.31 -36.93
N THR E 43 -8.05 21.94 -37.71
CA THR E 43 -8.26 21.03 -38.83
C THR E 43 -8.69 19.70 -38.25
N PRO E 44 -9.66 19.04 -38.90
CA PRO E 44 -10.15 17.73 -38.43
C PRO E 44 -8.99 16.77 -38.32
N GLY E 45 -8.93 16.01 -37.24
CA GLY E 45 -7.85 15.07 -37.07
C GLY E 45 -7.13 15.21 -35.75
N PRO E 46 -6.06 14.42 -35.57
CA PRO E 46 -5.33 14.48 -34.31
C PRO E 46 -4.41 15.69 -34.27
N HIS E 47 -4.27 16.30 -33.09
CA HIS E 47 -3.37 17.41 -32.90
C HIS E 47 -2.62 17.20 -31.59
N GLY E 48 -1.33 17.47 -31.60
CA GLY E 48 -0.50 17.33 -30.42
C GLY E 48 -0.96 18.29 -29.35
N PHE E 49 -1.15 17.77 -28.13
CA PHE E 49 -1.59 18.61 -27.02
C PHE E 49 -0.65 18.45 -25.83
N HIS E 50 0.09 19.52 -25.52
CA HIS E 50 1.14 19.44 -24.52
C HIS E 50 1.11 20.52 -23.47
N LEU E 51 1.61 20.18 -22.28
CA LEU E 51 1.85 21.16 -21.25
C LEU E 51 3.32 21.55 -21.34
N HIS E 52 3.60 22.75 -21.84
CA HIS E 52 4.97 23.18 -22.05
C HIS E 52 5.55 23.87 -20.80
N GLU E 53 6.87 24.07 -20.79
CA GLU E 53 7.58 24.42 -19.55
C GLU E 53 7.24 25.79 -18.97
N PHE E 54 7.17 26.81 -19.81
CA PHE E 54 7.08 28.17 -19.28
C PHE E 54 5.75 28.85 -19.57
N GLY E 55 5.28 29.65 -18.61
CA GLY E 55 4.04 30.39 -18.81
C GLY E 55 4.31 31.77 -19.31
N ASP E 56 5.21 31.84 -20.28
CA ASP E 56 5.69 33.07 -20.88
C ASP E 56 5.18 33.23 -22.30
N THR E 57 4.30 34.20 -22.55
CA THR E 57 3.83 34.40 -23.93
C THR E 57 4.27 35.74 -24.53
N THR E 58 5.34 36.32 -23.99
CA THR E 58 5.84 37.61 -24.48
C THR E 58 6.18 37.50 -25.95
N ASN E 59 6.54 36.31 -26.37
CA ASN E 59 6.84 36.08 -27.76
C ASN E 59 5.87 35.07 -28.35
N GLY E 60 4.59 35.21 -28.01
CA GLY E 60 3.64 34.20 -28.44
C GLY E 60 4.00 32.88 -27.77
N CYS E 61 3.54 31.80 -28.39
CA CYS E 61 3.71 30.45 -27.88
C CYS E 61 5.16 29.95 -27.92
N ILE E 62 5.99 30.62 -28.72
CA ILE E 62 7.39 30.25 -28.87
C ILE E 62 8.11 30.38 -27.53
N SER E 63 7.66 31.33 -26.72
CA SER E 63 8.29 31.62 -25.44
C SER E 63 7.83 30.68 -24.31
N THR E 64 6.89 29.78 -24.59
CA THR E 64 6.48 28.77 -23.57
C THR E 64 7.50 27.60 -23.47
N GLY E 65 8.50 27.60 -24.35
CA GLY E 65 9.59 26.65 -24.24
C GLY E 65 9.27 25.24 -24.71
N PRO E 66 10.07 24.28 -24.24
CA PRO E 66 9.88 22.87 -24.60
C PRO E 66 8.78 22.25 -23.75
N HIS E 67 8.44 21.00 -23.98
CA HIS E 67 7.44 20.35 -23.13
C HIS E 67 7.93 20.28 -21.67
N PHE E 68 7.02 20.46 -20.72
CA PHE E 68 7.37 20.44 -19.29
C PHE E 68 7.95 19.06 -18.92
N ASN E 69 9.20 19.04 -18.45
CA ASN E 69 9.95 17.81 -18.25
C ASN E 69 10.83 17.78 -16.96
N PRO E 70 10.21 17.68 -15.78
CA PRO E 70 11.00 17.73 -14.55
C PRO E 70 11.75 16.43 -14.26
N LYS E 71 11.57 15.45 -15.14
CA LYS E 71 12.31 14.20 -15.04
C LYS E 71 13.30 14.50 -16.15
N GLY E 72 14.37 13.73 -16.30
CA GLY E 72 15.29 14.10 -17.36
C GLY E 72 14.94 13.42 -18.67
N LEU E 73 13.65 13.17 -18.92
CA LEU E 73 13.31 12.17 -19.93
C LEU E 73 13.06 12.68 -21.34
N THR E 74 12.80 11.71 -22.22
CA THR E 74 12.62 11.91 -23.65
C THR E 74 11.13 12.01 -24.03
N HIS E 75 10.82 12.50 -25.22
CA HIS E 75 9.42 12.60 -25.61
C HIS E 75 8.81 11.25 -25.83
N GLY E 76 7.57 11.08 -25.36
CA GLY E 76 6.80 9.88 -25.64
C GLY E 76 5.28 10.06 -25.48
N ALA E 77 4.62 9.03 -24.98
CA ALA E 77 3.17 8.96 -24.97
C ALA E 77 2.69 8.87 -23.54
N PRO E 78 1.44 9.27 -23.28
CA PRO E 78 1.05 9.24 -21.86
C PRO E 78 1.14 7.86 -21.18
N GLU E 79 0.88 6.77 -21.92
CA GLU E 79 0.84 5.43 -21.33
C GLU E 79 2.25 4.87 -21.05
N ASP E 80 3.14 5.04 -22.03
CA ASP E 80 4.49 4.53 -21.91
C ASP E 80 5.17 5.59 -21.08
N GLU E 81 5.98 5.28 -20.08
CA GLU E 81 6.57 6.43 -19.39
C GLU E 81 8.10 6.48 -19.32
N ILE E 82 8.70 6.53 -20.50
CA ILE E 82 9.87 7.37 -20.73
C ILE E 82 9.33 8.59 -21.44
N ARG E 83 8.65 9.46 -20.68
CA ARG E 83 7.94 10.60 -21.24
C ARG E 83 8.24 11.90 -20.48
N HIS E 84 7.91 13.03 -21.10
CA HIS E 84 7.87 14.33 -20.42
C HIS E 84 6.64 14.36 -19.57
N ALA E 85 6.66 15.20 -18.55
CA ALA E 85 5.47 15.37 -17.73
C ALA E 85 4.32 16.00 -18.54
N GLY E 86 4.65 16.89 -19.48
CA GLY E 86 3.64 17.56 -20.27
C GLY E 86 3.25 16.77 -21.50
N ASP E 87 3.64 15.49 -21.54
CA ASP E 87 3.31 14.62 -22.66
C ASP E 87 1.89 14.05 -22.50
N LEU E 88 0.90 14.71 -23.10
CA LEU E 88 -0.51 14.35 -22.93
C LEU E 88 -1.11 13.71 -24.19
N GLY E 89 -0.25 13.35 -25.13
CA GLY E 89 -0.69 12.61 -26.30
C GLY E 89 -1.37 13.46 -27.33
N ASN E 90 -2.44 12.94 -27.91
CA ASN E 90 -3.19 13.65 -28.95
C ASN E 90 -4.64 14.00 -28.61
N ILE E 91 -5.13 15.05 -29.22
CA ILE E 91 -6.56 15.33 -29.13
C ILE E 91 -7.08 15.33 -30.56
N VAL E 92 -8.29 14.85 -30.74
CA VAL E 92 -8.78 14.68 -32.10
C VAL E 92 -9.91 15.67 -32.39
N ALA E 93 -9.78 16.41 -33.49
CA ALA E 93 -10.81 17.36 -33.88
C ALA E 93 -11.81 16.69 -34.80
N ASN E 94 -13.09 16.96 -34.55
CA ASN E 94 -14.15 16.39 -35.37
C ASN E 94 -14.22 17.11 -36.71
N ALA E 95 -15.26 16.82 -37.46
CA ALA E 95 -15.38 17.36 -38.80
C ALA E 95 -15.55 18.85 -38.75
N ASP E 96 -16.12 19.30 -37.64
CA ASP E 96 -16.37 20.71 -37.42
C ASP E 96 -15.16 21.44 -36.82
N GLY E 97 -14.05 20.73 -36.65
CA GLY E 97 -12.84 21.37 -36.15
C GLY E 97 -12.80 21.54 -34.64
N VAL E 98 -13.65 20.79 -33.96
CA VAL E 98 -13.72 20.84 -32.51
C VAL E 98 -13.09 19.61 -31.87
N ALA E 99 -12.22 19.86 -30.91
CA ALA E 99 -11.65 18.79 -30.14
C ALA E 99 -12.09 18.99 -28.69
N GLU E 100 -12.90 18.06 -28.19
CA GLU E 100 -13.33 18.05 -26.80
C GLU E 100 -12.86 16.77 -26.18
N VAL E 101 -12.11 16.84 -25.11
CA VAL E 101 -11.56 15.63 -24.51
C VAL E 101 -11.31 15.82 -23.00
N THR E 102 -11.32 14.72 -22.27
CA THR E 102 -11.04 14.71 -20.83
C THR E 102 -9.84 13.80 -20.61
N ILE E 103 -8.88 14.26 -19.81
CA ILE E 103 -7.60 13.59 -19.64
C ILE E 103 -7.27 13.50 -18.17
N VAL E 104 -6.78 12.36 -17.71
CA VAL E 104 -6.38 12.25 -16.31
C VAL E 104 -4.93 11.82 -16.27
N ASP E 105 -4.08 12.56 -15.56
CA ASP E 105 -2.64 12.29 -15.55
C ASP E 105 -1.97 12.53 -14.19
N ASN E 106 -0.76 11.96 -14.02
CA ASN E 106 -0.01 11.97 -12.76
C ASN E 106 1.19 12.88 -12.72
N GLN E 107 1.53 13.42 -13.87
CA GLN E 107 2.75 14.21 -13.99
C GLN E 107 2.45 15.71 -14.05
N ILE E 108 1.21 16.10 -13.76
CA ILE E 108 0.86 17.52 -13.84
C ILE E 108 0.08 17.98 -12.62
N PRO E 109 0.73 17.92 -11.45
CA PRO E 109 -0.01 18.32 -10.26
C PRO E 109 -0.12 19.83 -10.26
N LEU E 110 -1.11 20.35 -9.53
CA LEU E 110 -1.37 21.78 -9.38
C LEU E 110 -0.64 22.33 -8.17
N THR E 111 -0.10 21.42 -7.38
CA THR E 111 0.70 21.85 -6.25
C THR E 111 1.90 20.95 -6.14
N GLY E 112 2.79 21.36 -5.26
CA GLY E 112 3.96 20.58 -4.95
C GLY E 112 5.13 21.11 -5.73
N PRO E 113 6.27 20.47 -5.59
CA PRO E 113 7.46 20.98 -6.25
C PRO E 113 7.33 20.99 -7.76
N ASN E 114 6.47 20.15 -8.34
CA ASN E 114 6.37 20.07 -9.80
C ASN E 114 5.08 20.62 -10.35
N ALA E 115 4.53 21.60 -9.64
CA ALA E 115 3.28 22.21 -10.03
C ALA E 115 3.36 22.75 -11.46
N VAL E 116 2.26 22.63 -12.17
CA VAL E 116 2.21 23.12 -13.53
C VAL E 116 1.51 24.48 -13.58
N VAL E 117 1.10 24.95 -12.40
CA VAL E 117 0.50 26.27 -12.24
C VAL E 117 1.53 27.32 -12.71
N GLY E 118 1.07 28.25 -13.54
CA GLY E 118 1.94 29.28 -14.07
C GLY E 118 2.73 28.76 -15.25
N ARG E 119 2.41 27.54 -15.69
CA ARG E 119 3.03 27.04 -16.91
C ARG E 119 1.99 27.10 -18.00
N ALA E 120 2.20 26.44 -19.13
CA ALA E 120 1.27 26.65 -20.25
C ALA E 120 0.84 25.39 -20.97
N PHE E 121 -0.29 25.49 -21.67
CA PHE E 121 -0.78 24.43 -22.54
C PHE E 121 -0.60 24.94 -23.95
N VAL E 122 -0.24 24.04 -24.88
CA VAL E 122 -0.09 24.42 -26.29
C VAL E 122 -0.84 23.42 -27.16
N VAL E 123 -1.65 23.88 -28.10
CA VAL E 123 -2.20 22.92 -29.04
C VAL E 123 -1.46 23.10 -30.34
N HIS E 124 -1.12 21.99 -30.99
CA HIS E 124 -0.13 22.01 -32.05
C HIS E 124 -0.70 21.73 -33.45
N GLU E 125 0.06 22.18 -34.45
CA GLU E 125 -0.32 22.03 -35.84
C GLU E 125 -0.55 20.58 -36.26
N LEU E 126 0.32 19.67 -35.82
CA LEU E 126 0.32 18.31 -36.34
C LEU E 126 0.10 17.25 -35.29
N GLU E 127 -0.10 16.01 -35.75
CA GLU E 127 -0.24 14.86 -34.88
C GLU E 127 1.04 14.56 -34.10
N ASP E 128 0.90 14.21 -32.83
CA ASP E 128 2.04 13.77 -32.02
C ASP E 128 2.36 12.32 -32.38
N ASP E 129 3.59 12.05 -32.85
CA ASP E 129 3.99 10.67 -33.20
C ASP E 129 4.43 9.86 -31.98
N LEU E 130 4.22 10.42 -30.79
CA LEU E 130 4.36 9.70 -29.52
C LEU E 130 5.79 9.21 -29.25
N GLY E 131 6.73 9.68 -30.04
CA GLY E 131 8.10 9.29 -29.91
C GLY E 131 8.53 8.28 -30.89
N LYS E 132 7.86 8.19 -32.03
CA LYS E 132 8.01 7.07 -32.94
C LYS E 132 7.94 7.28 -34.48
N GLY E 133 8.67 8.23 -35.05
CA GLY E 133 8.57 8.52 -36.46
C GLY E 133 9.20 7.54 -37.45
N GLY E 134 10.47 7.19 -37.28
CA GLY E 134 11.37 7.85 -36.40
C GLY E 134 11.75 9.07 -37.16
N HIS E 135 11.55 10.19 -36.53
CA HIS E 135 11.76 11.50 -37.10
C HIS E 135 12.70 12.26 -36.20
N GLU E 136 13.45 13.19 -36.77
CA GLU E 136 14.37 14.02 -36.01
C GLU E 136 13.74 14.53 -34.72
N LEU E 137 12.48 14.98 -34.83
CA LEU E 137 11.82 15.62 -33.71
C LEU E 137 11.08 14.61 -32.82
N SER E 138 11.04 13.35 -33.25
CA SER E 138 10.24 12.33 -32.57
C SER E 138 10.53 12.24 -31.08
N LEU E 139 11.77 12.45 -30.68
CA LEU E 139 12.09 12.26 -29.27
C LEU E 139 12.11 13.57 -28.48
N SER E 140 11.81 14.68 -29.11
CA SER E 140 11.82 15.88 -28.34
C SER E 140 10.47 16.52 -28.36
N THR E 141 9.88 16.54 -29.53
CA THR E 141 8.56 17.15 -29.72
C THR E 141 7.49 16.24 -30.23
N GLY E 142 7.82 15.25 -31.02
CA GLY E 142 6.85 14.35 -31.57
C GLY E 142 6.37 14.77 -32.90
N ASN E 143 6.98 15.77 -33.43
CA ASN E 143 6.65 16.21 -34.77
C ASN E 143 5.26 16.77 -34.84
N ALA E 144 4.78 17.18 -33.70
CA ALA E 144 3.59 17.98 -33.46
C ALA E 144 3.47 19.29 -34.24
N GLY E 145 4.55 19.78 -34.84
CA GLY E 145 4.42 20.93 -35.71
C GLY E 145 4.41 22.24 -34.96
N GLY E 146 3.81 23.26 -35.58
CA GLY E 146 3.78 24.60 -35.04
C GLY E 146 2.87 24.77 -33.84
N ARG E 147 2.91 25.94 -33.22
CA ARG E 147 2.11 26.16 -32.02
C ARG E 147 0.83 26.96 -32.38
N LEU E 148 -0.32 26.29 -32.41
CA LEU E 148 -1.53 26.91 -32.90
C LEU E 148 -2.16 27.88 -31.92
N ALA E 149 -2.18 27.47 -30.66
CA ALA E 149 -2.73 28.31 -29.62
C ALA E 149 -2.16 27.84 -28.29
N CYS E 150 -2.01 28.77 -27.36
CA CYS E 150 -1.49 28.46 -26.04
C CYS E 150 -2.15 29.35 -24.99
N GLY E 151 -1.98 28.98 -23.72
CA GLY E 151 -2.52 29.77 -22.62
C GLY E 151 -1.80 29.46 -21.33
N VAL E 152 -1.74 30.44 -20.44
CA VAL E 152 -1.05 30.24 -19.19
C VAL E 152 -1.97 29.59 -18.16
N ILE E 153 -1.43 28.61 -17.45
CA ILE E 153 -2.23 27.89 -16.45
C ILE E 153 -2.35 28.73 -15.19
N GLY E 154 -3.56 29.22 -14.92
CA GLY E 154 -3.76 30.09 -13.78
C GLY E 154 -4.79 29.54 -12.80
N LEU E 155 -4.70 29.99 -11.56
CA LEU E 155 -5.58 29.54 -10.51
C LEU E 155 -6.99 30.10 -10.70
N THR E 156 -7.99 29.29 -10.33
CA THR E 156 -9.39 29.66 -10.46
C THR E 156 -10.15 29.11 -9.23
N PRO E 157 -11.16 29.86 -8.74
CA PRO E 157 -11.90 29.62 -7.50
C PRO E 157 -12.53 28.23 -7.33
N THR E 158 -12.83 27.87 -6.07
CA THR E 158 -13.51 26.61 -5.66
C THR E 158 -12.56 25.42 -5.75
N LYS F 6 -21.89 -30.95 25.42
CA LYS F 6 -22.59 -30.72 24.15
C LYS F 6 -22.18 -29.38 23.54
N LYS F 7 -21.13 -29.40 22.73
CA LYS F 7 -20.62 -28.21 22.06
C LYS F 7 -20.94 -28.25 20.56
N LYS F 8 -21.20 -27.07 19.98
CA LYS F 8 -21.65 -26.95 18.58
C LYS F 8 -20.95 -25.82 17.79
N ALA F 9 -20.62 -26.08 16.54
CA ALA F 9 -19.97 -25.06 15.71
C ALA F 9 -20.60 -25.04 14.33
N VAL F 10 -20.29 -24.00 13.56
CA VAL F 10 -20.88 -23.84 12.24
C VAL F 10 -19.92 -23.14 11.28
N ALA F 11 -19.96 -23.57 10.02
CA ALA F 11 -19.21 -22.95 8.95
C ALA F 11 -20.15 -22.58 7.80
N VAL F 12 -20.05 -21.34 7.38
CA VAL F 12 -20.77 -20.90 6.20
C VAL F 12 -19.82 -20.98 5.02
N LEU F 13 -20.18 -21.79 4.03
CA LEU F 13 -19.31 -22.05 2.89
C LEU F 13 -19.60 -21.19 1.66
N LYS F 14 -18.63 -20.38 1.25
CA LYS F 14 -18.79 -19.52 0.07
C LYS F 14 -17.58 -19.57 -0.84
N GLY F 15 -17.76 -19.11 -2.06
CA GLY F 15 -16.68 -19.15 -3.04
C GLY F 15 -16.86 -18.24 -4.25
N ASN F 16 -16.09 -18.54 -5.28
CA ASN F 16 -16.08 -17.79 -6.53
C ASN F 16 -17.23 -18.18 -7.49
N SER F 17 -18.00 -19.20 -7.13
CA SER F 17 -19.06 -19.66 -8.02
C SER F 17 -20.40 -19.57 -7.34
N ALA F 18 -21.37 -20.27 -7.92
CA ALA F 18 -22.69 -20.38 -7.31
C ALA F 18 -22.68 -21.33 -6.12
N VAL F 19 -21.63 -22.13 -6.00
CA VAL F 19 -21.57 -23.14 -4.94
C VAL F 19 -21.48 -22.53 -3.57
N GLU F 20 -22.47 -22.82 -2.74
CA GLU F 20 -22.44 -22.39 -1.36
C GLU F 20 -23.15 -23.41 -0.49
N GLY F 21 -22.96 -23.33 0.83
CA GLY F 21 -23.60 -24.27 1.71
C GLY F 21 -23.41 -23.97 3.18
N VAL F 22 -24.04 -24.77 4.05
CA VAL F 22 -23.90 -24.57 5.49
C VAL F 22 -23.53 -25.89 6.15
N VAL F 23 -22.55 -25.84 7.04
CA VAL F 23 -22.08 -27.01 7.77
C VAL F 23 -22.15 -26.76 9.26
N THR F 24 -22.86 -27.63 9.97
CA THR F 24 -23.00 -27.50 11.41
C THR F 24 -22.29 -28.65 12.08
N LEU F 25 -21.73 -28.39 13.25
CA LEU F 25 -20.94 -29.42 13.93
C LEU F 25 -21.50 -29.57 15.32
N THR F 26 -21.63 -30.80 15.79
CA THR F 26 -22.16 -31.06 17.12
C THR F 26 -21.34 -32.16 17.79
N GLN F 27 -20.87 -31.90 18.99
CA GLN F 27 -20.00 -32.87 19.65
C GLN F 27 -20.27 -33.14 21.14
N GLU F 28 -20.33 -34.44 21.42
CA GLU F 28 -20.50 -35.03 22.74
C GLU F 28 -19.22 -35.06 23.54
N GLU F 29 -19.19 -34.43 24.71
CA GLU F 29 -18.19 -34.73 25.74
C GLU F 29 -16.89 -34.50 24.96
N ASP F 30 -16.08 -35.55 24.93
CA ASP F 30 -15.05 -35.73 23.95
C ASP F 30 -15.46 -37.00 23.17
N GLY F 31 -16.68 -37.05 22.65
CA GLY F 31 -17.14 -38.16 21.84
C GLY F 31 -16.88 -37.88 20.37
N PRO F 32 -17.57 -38.59 19.46
CA PRO F 32 -17.42 -38.28 18.01
C PRO F 32 -18.10 -36.96 17.61
N THR F 33 -17.76 -36.43 16.43
CA THR F 33 -18.35 -35.19 15.94
C THR F 33 -19.37 -35.43 14.83
N THR F 34 -20.53 -34.81 14.94
CA THR F 34 -21.51 -34.91 13.87
C THR F 34 -21.43 -33.71 12.95
N VAL F 35 -21.28 -33.98 11.66
CA VAL F 35 -21.12 -32.92 10.68
C VAL F 35 -22.30 -32.95 9.70
N ASN F 36 -23.12 -31.90 9.76
CA ASN F 36 -24.30 -31.82 8.93
C ASN F 36 -24.06 -30.89 7.76
N VAL F 37 -24.14 -31.44 6.55
CA VAL F 37 -23.77 -30.70 5.36
C VAL F 37 -24.91 -30.47 4.40
N ARG F 38 -25.15 -29.21 4.06
CA ARG F 38 -26.03 -28.87 2.95
C ARG F 38 -25.33 -27.87 2.06
N ILE F 39 -24.94 -28.32 0.87
CA ILE F 39 -24.26 -27.48 -0.12
C ILE F 39 -25.02 -27.47 -1.44
N THR F 40 -25.09 -26.32 -2.10
CA THR F 40 -25.77 -26.24 -3.40
C THR F 40 -24.82 -25.72 -4.48
N GLY F 41 -25.30 -25.75 -5.72
CA GLY F 41 -24.56 -25.28 -6.89
C GLY F 41 -23.50 -26.23 -7.42
N LEU F 42 -23.39 -27.41 -6.82
CA LEU F 42 -22.36 -28.37 -7.21
C LEU F 42 -22.74 -29.11 -8.49
N THR F 43 -21.75 -29.50 -9.29
CA THR F 43 -21.99 -30.43 -10.39
C THR F 43 -22.43 -31.74 -9.76
N PRO F 44 -23.43 -32.41 -10.36
CA PRO F 44 -23.94 -33.68 -9.82
C PRO F 44 -22.81 -34.68 -9.70
N GLY F 45 -22.78 -35.45 -8.61
CA GLY F 45 -21.71 -36.42 -8.45
C GLY F 45 -20.98 -36.28 -7.13
N PRO F 46 -19.93 -37.09 -6.95
CA PRO F 46 -19.20 -37.03 -5.69
C PRO F 46 -18.25 -35.85 -5.72
N HIS F 47 -18.10 -35.20 -4.58
CA HIS F 47 -17.17 -34.08 -4.49
C HIS F 47 -16.32 -34.19 -3.24
N GLY F 48 -15.05 -33.86 -3.40
CA GLY F 48 -14.15 -33.89 -2.27
C GLY F 48 -14.62 -32.90 -1.23
N PHE F 49 -14.76 -33.41 0.00
CA PHE F 49 -15.17 -32.61 1.14
C PHE F 49 -14.21 -32.79 2.30
N HIS F 50 -13.44 -31.75 2.60
CA HIS F 50 -12.34 -31.82 3.55
C HIS F 50 -12.36 -30.68 4.56
N LEU F 51 -11.84 -30.96 5.75
CA LEU F 51 -11.58 -29.92 6.73
C LEU F 51 -10.13 -29.47 6.62
N HIS F 52 -9.91 -28.24 6.16
CA HIS F 52 -8.54 -27.74 5.93
C HIS F 52 -7.99 -27.01 7.15
N GLU F 53 -6.68 -26.79 7.15
CA GLU F 53 -5.99 -26.38 8.37
C GLU F 53 -6.32 -24.99 8.92
N PHE F 54 -6.39 -23.96 8.08
CA PHE F 54 -6.49 -22.60 8.62
C PHE F 54 -7.82 -21.88 8.37
N GLY F 55 -8.25 -21.09 9.34
CA GLY F 55 -9.49 -20.34 9.21
C GLY F 55 -9.21 -18.99 8.62
N ASP F 56 -8.36 -19.02 7.60
CA ASP F 56 -7.90 -17.84 6.91
C ASP F 56 -8.57 -17.81 5.55
N THR F 57 -9.03 -16.66 5.09
CA THR F 57 -9.66 -16.58 3.76
C THR F 57 -9.36 -15.23 3.16
N THR F 58 -8.25 -14.66 3.63
CA THR F 58 -7.81 -13.39 3.12
C THR F 58 -7.53 -13.56 1.63
N ASN F 59 -7.16 -14.77 1.22
CA ASN F 59 -6.93 -15.03 -0.21
C ASN F 59 -7.90 -16.09 -0.73
N GLY F 60 -9.15 -15.99 -0.32
CA GLY F 60 -10.10 -17.03 -0.66
C GLY F 60 -9.82 -18.33 0.05
N CYS F 61 -10.30 -19.41 -0.56
CA CYS F 61 -10.15 -20.73 0.03
C CYS F 61 -8.68 -21.17 0.03
N ILE F 62 -7.88 -20.53 -0.80
CA ILE F 62 -6.47 -20.82 -0.94
C ILE F 62 -5.73 -20.66 0.40
N SER F 63 -6.17 -19.75 1.27
CA SER F 63 -5.46 -19.45 2.53
C SER F 63 -5.74 -20.42 3.64
N THR F 64 -6.71 -21.31 3.43
CA THR F 64 -7.09 -22.31 4.43
C THR F 64 -6.08 -23.46 4.46
N GLY F 65 -5.11 -23.40 3.55
CA GLY F 65 -4.00 -24.33 3.62
C GLY F 65 -4.36 -25.71 3.16
N PRO F 66 -3.58 -26.70 3.61
CA PRO F 66 -3.70 -28.13 3.29
C PRO F 66 -4.72 -28.83 4.17
N HIS F 67 -4.97 -30.11 3.92
CA HIS F 67 -5.89 -30.86 4.75
C HIS F 67 -5.36 -30.86 6.18
N PHE F 68 -6.25 -30.79 7.17
CA PHE F 68 -5.84 -30.77 8.58
C PHE F 68 -5.17 -32.09 8.96
N ASN F 69 -3.90 -32.03 9.36
CA ASN F 69 -3.18 -33.29 9.53
C ASN F 69 -2.21 -33.34 10.70
N PRO F 70 -2.75 -33.41 11.91
CA PRO F 70 -1.97 -33.37 13.15
C PRO F 70 -1.23 -34.67 13.43
N LYS F 71 -1.39 -35.68 12.58
CA LYS F 71 -0.65 -36.93 12.74
C LYS F 71 0.43 -37.04 11.67
N GLY F 72 0.50 -36.03 10.82
CA GLY F 72 1.42 -36.01 9.69
C GLY F 72 1.39 -37.19 8.73
N LEU F 73 0.22 -37.77 8.53
CA LEU F 73 0.05 -38.97 7.72
C LEU F 73 -0.31 -38.61 6.28
N THR F 74 -0.46 -39.61 5.40
CA THR F 74 -0.81 -39.27 4.02
C THR F 74 -2.30 -39.34 3.84
N HIS F 75 -2.75 -38.81 2.70
CA HIS F 75 -4.17 -38.76 2.38
C HIS F 75 -4.76 -40.14 2.08
N GLY F 76 -5.96 -40.39 2.60
CA GLY F 76 -6.74 -41.59 2.30
C GLY F 76 -8.22 -41.34 2.58
N ALA F 77 -8.91 -42.32 3.15
CA ALA F 77 -10.35 -42.25 3.27
C ALA F 77 -10.72 -42.24 4.74
N PRO F 78 -11.90 -41.75 5.04
CA PRO F 78 -12.29 -41.47 6.40
C PRO F 78 -12.33 -42.72 7.20
N GLU F 79 -12.25 -43.85 6.53
CA GLU F 79 -12.36 -45.11 7.21
C GLU F 79 -10.98 -45.67 7.44
N ASP F 80 -10.01 -45.19 6.69
CA ASP F 80 -8.63 -45.63 6.83
C ASP F 80 -7.92 -45.32 8.13
N GLU F 81 -6.93 -46.16 8.41
CA GLU F 81 -6.02 -45.96 9.51
C GLU F 81 -5.04 -44.84 9.15
N ILE F 82 -4.56 -44.88 7.91
CA ILE F 82 -3.60 -43.90 7.39
C ILE F 82 -4.31 -42.77 6.65
N ARG F 83 -4.82 -41.82 7.43
CA ARG F 83 -5.65 -40.74 6.92
C ARG F 83 -5.27 -39.33 7.48
N HIS F 84 -5.69 -38.24 6.82
CA HIS F 84 -5.67 -36.92 7.49
C HIS F 84 -6.87 -36.77 8.40
N ALA F 85 -6.75 -35.95 9.43
CA ALA F 85 -7.88 -35.79 10.34
C ALA F 85 -9.08 -35.20 9.59
N GLY F 86 -8.83 -34.26 8.68
CA GLY F 86 -9.93 -33.64 7.97
C GLY F 86 -10.32 -34.41 6.72
N ASP F 87 -9.84 -35.63 6.58
CA ASP F 87 -10.17 -36.43 5.40
C ASP F 87 -11.53 -37.06 5.54
N LEU F 88 -12.55 -36.38 5.05
CA LEU F 88 -13.91 -36.81 5.28
C LEU F 88 -14.50 -37.35 3.98
N GLY F 89 -13.64 -37.59 3.00
CA GLY F 89 -14.07 -38.29 1.81
C GLY F 89 -14.86 -37.44 0.85
N ASN F 90 -15.91 -38.02 0.29
CA ASN F 90 -16.73 -37.37 -0.73
C ASN F 90 -18.14 -37.11 -0.23
N ILE F 91 -18.76 -36.06 -0.78
CA ILE F 91 -20.20 -35.83 -0.59
C ILE F 91 -20.81 -35.83 -1.98
N VAL F 92 -22.02 -36.35 -2.10
CA VAL F 92 -22.60 -36.57 -3.42
C VAL F 92 -23.73 -35.61 -3.73
N ALA F 93 -23.61 -34.92 -4.86
CA ALA F 93 -24.64 -34.00 -5.31
C ALA F 93 -25.62 -34.70 -6.25
N ASN F 94 -26.90 -34.48 -6.02
CA ASN F 94 -27.96 -35.04 -6.84
C ASN F 94 -28.08 -34.28 -8.17
N ALA F 95 -29.14 -34.56 -8.92
CA ALA F 95 -29.33 -33.94 -10.24
C ALA F 95 -29.54 -32.45 -10.14
N ASP F 96 -30.07 -32.02 -9.01
CA ASP F 96 -30.33 -30.60 -8.72
C ASP F 96 -29.10 -29.86 -8.17
N GLY F 97 -27.97 -30.56 -8.09
CA GLY F 97 -26.74 -29.95 -7.63
C GLY F 97 -26.65 -29.81 -6.12
N VAL F 98 -27.51 -30.54 -5.44
CA VAL F 98 -27.54 -30.46 -3.99
C VAL F 98 -26.88 -31.65 -3.32
N ALA F 99 -25.97 -31.36 -2.41
CA ALA F 99 -25.37 -32.40 -1.63
C ALA F 99 -25.79 -32.15 -0.20
N GLU F 100 -26.65 -33.04 0.29
CA GLU F 100 -27.06 -32.98 1.66
C GLU F 100 -26.77 -34.33 2.30
N VAL F 101 -25.94 -34.31 3.34
CA VAL F 101 -25.44 -35.51 3.95
C VAL F 101 -25.09 -35.17 5.40
N THR F 102 -25.09 -36.17 6.27
CA THR F 102 -24.63 -35.96 7.64
C THR F 102 -23.50 -36.93 7.94
N ILE F 103 -22.43 -36.43 8.56
CA ILE F 103 -21.20 -37.23 8.69
C ILE F 103 -20.75 -37.30 10.14
N VAL F 104 -20.28 -38.48 10.52
CA VAL F 104 -19.79 -38.71 11.85
C VAL F 104 -18.31 -39.14 11.76
N ASP F 105 -17.46 -38.44 12.50
CA ASP F 105 -16.04 -38.73 12.45
C ASP F 105 -15.42 -38.51 13.82
N ASN F 106 -14.23 -39.08 14.02
CA ASN F 106 -13.61 -39.00 15.34
C ASN F 106 -12.32 -38.22 15.39
N GLN F 107 -11.86 -37.73 14.25
CA GLN F 107 -10.60 -36.97 14.23
C GLN F 107 -10.79 -35.45 14.12
N ILE F 108 -12.00 -34.97 14.34
CA ILE F 108 -12.28 -33.53 14.22
C ILE F 108 -13.03 -33.00 15.43
N PRO F 109 -12.38 -33.03 16.60
CA PRO F 109 -13.07 -32.59 17.81
C PRO F 109 -13.26 -31.08 17.85
N LEU F 110 -14.24 -30.62 18.63
CA LEU F 110 -14.47 -29.19 18.79
C LEU F 110 -13.63 -28.65 19.94
N THR F 111 -12.98 -29.55 20.69
CA THR F 111 -12.09 -29.15 21.80
C THR F 111 -10.78 -29.97 21.88
N GLY F 112 -9.83 -29.50 22.68
CA GLY F 112 -8.62 -30.28 22.88
C GLY F 112 -7.46 -29.86 22.00
N PRO F 113 -6.36 -30.62 22.09
CA PRO F 113 -5.11 -30.32 21.37
C PRO F 113 -5.32 -30.31 19.85
N ASN F 114 -6.35 -31.00 19.39
CA ASN F 114 -6.69 -31.05 17.96
C ASN F 114 -8.05 -30.41 17.59
N ALA F 115 -8.48 -29.37 18.30
CA ALA F 115 -9.76 -28.72 18.01
C ALA F 115 -9.85 -28.16 16.57
N VAL F 116 -11.03 -28.24 15.96
CA VAL F 116 -11.18 -27.72 14.60
C VAL F 116 -11.86 -26.33 14.53
N VAL F 117 -12.15 -25.76 15.70
CA VAL F 117 -12.67 -24.39 15.81
C VAL F 117 -11.66 -23.39 15.28
N GLY F 118 -12.10 -22.48 14.44
CA GLY F 118 -11.20 -21.50 13.83
C GLY F 118 -10.46 -22.09 12.64
N ARG F 119 -10.82 -23.30 12.24
CA ARG F 119 -10.25 -23.88 11.02
C ARG F 119 -11.31 -23.82 9.94
N ALA F 120 -11.13 -24.58 8.87
CA ALA F 120 -12.04 -24.43 7.73
C ALA F 120 -12.53 -25.73 7.13
N PHE F 121 -13.62 -25.63 6.36
CA PHE F 121 -14.15 -26.71 5.52
C PHE F 121 -13.98 -26.28 4.06
N VAL F 122 -13.71 -27.21 3.17
CA VAL F 122 -13.64 -26.91 1.75
C VAL F 122 -14.35 -27.97 0.92
N VAL F 123 -15.21 -27.54 0.01
CA VAL F 123 -15.81 -28.49 -0.91
C VAL F 123 -15.04 -28.31 -2.21
N HIS F 124 -14.74 -29.43 -2.86
CA HIS F 124 -13.79 -29.43 -3.96
C HIS F 124 -14.44 -29.70 -5.34
N GLU F 125 -13.73 -29.29 -6.37
CA GLU F 125 -14.17 -29.46 -7.76
C GLU F 125 -14.43 -30.91 -8.14
N LEU F 126 -13.57 -31.82 -7.69
CA LEU F 126 -13.61 -33.20 -8.19
C LEU F 126 -13.84 -34.23 -7.11
N GLU F 127 -14.04 -35.46 -7.59
CA GLU F 127 -14.15 -36.60 -6.71
C GLU F 127 -12.81 -36.80 -6.02
N ASP F 128 -12.87 -37.14 -4.73
CA ASP F 128 -11.69 -37.52 -3.95
C ASP F 128 -11.27 -38.96 -4.28
N ASP F 129 -10.05 -39.20 -4.78
CA ASP F 129 -9.72 -40.58 -5.10
C ASP F 129 -9.24 -41.38 -3.87
N LEU F 130 -9.26 -40.75 -2.69
CA LEU F 130 -9.01 -41.48 -1.46
C LEU F 130 -7.60 -42.09 -1.52
N GLY F 131 -6.69 -41.35 -2.15
CA GLY F 131 -5.31 -41.74 -2.37
C GLY F 131 -4.99 -43.09 -2.99
N LYS F 132 -5.94 -43.67 -3.70
CA LYS F 132 -5.67 -44.93 -4.38
C LYS F 132 -5.65 -44.69 -5.86
N GLY F 133 -6.13 -43.52 -6.26
CA GLY F 133 -6.12 -43.08 -7.64
C GLY F 133 -4.88 -43.45 -8.42
N GLY F 134 -3.75 -43.48 -7.73
CA GLY F 134 -2.50 -43.67 -8.43
C GLY F 134 -2.34 -42.44 -9.27
N HIS F 135 -2.32 -41.32 -8.56
CA HIS F 135 -2.13 -40.02 -9.14
C HIS F 135 -1.08 -39.36 -8.29
N GLU F 136 -0.31 -38.49 -8.91
CA GLU F 136 0.71 -37.74 -8.21
C GLU F 136 0.16 -37.14 -6.90
N LEU F 137 -1.03 -36.55 -6.97
CA LEU F 137 -1.63 -35.83 -5.86
C LEU F 137 -2.46 -36.69 -4.94
N SER F 138 -2.61 -37.97 -5.26
CA SER F 138 -3.46 -38.85 -4.45
C SER F 138 -3.12 -38.89 -2.98
N LEU F 139 -1.84 -38.74 -2.63
CA LEU F 139 -1.44 -38.94 -1.23
C LEU F 139 -1.44 -37.67 -0.41
N SER F 140 -1.73 -36.55 -1.05
CA SER F 140 -1.86 -35.26 -0.37
C SER F 140 -3.28 -34.69 -0.48
N THR F 141 -3.85 -34.78 -1.68
CA THR F 141 -5.09 -34.08 -2.04
C THR F 141 -6.23 -35.05 -2.30
N GLY F 142 -5.90 -36.11 -3.00
CA GLY F 142 -6.88 -36.97 -3.63
C GLY F 142 -6.62 -36.39 -5.01
N ASN F 143 -7.58 -36.42 -5.88
CA ASN F 143 -7.46 -35.47 -6.94
C ASN F 143 -8.67 -34.62 -6.86
N ALA F 144 -8.84 -34.07 -5.67
CA ALA F 144 -10.04 -33.32 -5.32
C ALA F 144 -10.22 -32.03 -6.12
N GLY F 145 -9.17 -31.55 -6.76
CA GLY F 145 -9.29 -30.42 -7.67
C GLY F 145 -9.36 -29.07 -6.96
N GLY F 146 -9.92 -28.08 -7.64
CA GLY F 146 -9.96 -26.72 -7.10
C GLY F 146 -10.94 -26.55 -5.96
N ARG F 147 -10.88 -25.40 -5.30
CA ARG F 147 -11.71 -25.18 -4.11
C ARG F 147 -12.95 -24.40 -4.49
N LEU F 148 -14.07 -25.12 -4.54
CA LEU F 148 -15.33 -24.55 -5.02
C LEU F 148 -15.89 -23.57 -4.03
N ALA F 149 -15.84 -23.94 -2.76
CA ALA F 149 -16.30 -23.08 -1.69
C ALA F 149 -15.70 -23.52 -0.34
N CYS F 150 -15.50 -22.58 0.56
CA CYS F 150 -14.94 -22.83 1.89
C CYS F 150 -15.54 -21.94 2.98
N GLY F 151 -15.30 -22.28 4.23
CA GLY F 151 -15.76 -21.46 5.35
C GLY F 151 -15.00 -21.69 6.63
N VAL F 152 -14.91 -20.67 7.48
CA VAL F 152 -14.19 -20.74 8.75
C VAL F 152 -15.08 -21.37 9.80
N ILE F 153 -14.57 -22.35 10.55
CA ILE F 153 -15.41 -23.02 11.54
C ILE F 153 -15.50 -22.23 12.81
N GLY F 154 -16.72 -21.75 13.11
CA GLY F 154 -16.95 -20.85 14.23
C GLY F 154 -17.97 -21.32 15.27
N LEU F 155 -17.87 -20.75 16.46
CA LEU F 155 -18.76 -21.09 17.58
C LEU F 155 -20.17 -20.55 17.41
N THR F 156 -21.11 -21.34 17.92
CA THR F 156 -22.54 -21.07 17.82
C THR F 156 -23.28 -21.63 19.06
N PRO F 157 -24.40 -20.98 19.48
CA PRO F 157 -25.13 -21.27 20.73
C PRO F 157 -25.50 -22.76 20.99
N THR F 158 -25.86 -23.03 22.26
CA THR F 158 -26.27 -24.35 22.81
C THR F 158 -24.98 -25.13 23.10
#